data_9FCZ
#
_entry.id   9FCZ
#
loop_
_entity.id
_entity.type
_entity.pdbx_description
1 polymer 'Capsid protein VP1'
2 polymer 'Capsid protein VP2'
3 polymer 'Capsid protein VP3'
4 polymer 'Capsid protein VP4'
5 non-polymer ~{N}-[(3-fluorophenyl)methyl]-4-[(4-methylpiperazin-1-yl)methyl]aniline
6 non-polymer 'MYRISTIC ACID'
#
loop_
_entity_poly.entity_id
_entity_poly.type
_entity_poly.pdbx_seq_one_letter_code
_entity_poly.pdbx_strand_id
1 'polypeptide(L)'
;GDVEEAIERAVVHVADTMRSGPSNSASVPALTAVETGHTSQVTPSDTMQTRHVKNYHSRSESTVENFLGRSACVYMEEYK
TTDNDVNKKFVAWPINTKQMVQMRRKLEMFTYLRFDMEVTFVITSRQDPGTTLAQDMPVLTHQIMYVPPGGPIPAKVDDY
AWQTSTNPSIFWTEGNAPARMSIPFISIGNAYSNFYDGWSNFDQRGSYGYNTLNNLGHIYVRHVSGSSPHPITSTIRVYF
KPKHTRAWVPRPPRLCQYKKAFSVDFTPTPITDTRKDINTVTT
;
A
2 'polypeptide(L)'
;SDRVRSITLGNSTITTQECANVVVGYGRWPTYLRDDEATAEDQPTQPDVATCRFYTLDSIKWEKGSVGWWWKFPEALSDM
GLFGQNMQYHYLGRAGYTIHVQCNASKFHQGCLLVVCVPEAEMGGAVVGQAFSATAMANGDKAYEFTSATQSDQTKVQTA
IHNAGMGVGVGNLTIYPHQWINLRTNNSATIVMPYINSVPMDNMFRHYNFTLMVIPFVKLDYADTASTYVPITVTVAPMC
AEYNGLRLAQA
;
B
3 'polypeptide(L)'
;GLPTMNTPGSTQFLTSDDFQSPCALPQFDVTPSMNIPGEVKNLMEIAEVDSVVPVNNVQDTTDQMEMFRIPVTINAPLQQ
QVFGLRLQPGLDSVFKHTLLGEILNYYAHWSGSMKLTFVFCGSAMATGKFLIAYSPPGANPPKTRKDAMLGTHIIWDIGL
QSSCVLCVPWISQTHYRLVQQDEYTSAGYVTCWYQTGMIVPPGTPNSSSIMCFASACNDFSVRMLRDTPFISQDNKLQ
;
C
4 'polypeptide(L)' GAQVSTQKTGAHETSLSAAGNSIIHYTNINYYKDAASNSANRQDFTQDPSKFTEPVKDVMIKSLPALN D
#
loop_
_chem_comp.id
_chem_comp.type
_chem_comp.name
_chem_comp.formula
A1IB2 non-polymer ~{N}-[(3-fluorophenyl)methyl]-4-[(4-methylpiperazin-1-yl)methyl]aniline 'C19 H24 F N3'
MYR non-polymer 'MYRISTIC ACID' 'C14 H28 O2'
#
# COMPACT_ATOMS: atom_id res chain seq x y z
N GLY A 1 -15.59 -42.64 14.11
CA GLY A 1 -15.11 -41.88 12.92
C GLY A 1 -13.68 -41.38 13.07
N ASP A 2 -12.76 -41.93 12.28
CA ASP A 2 -11.35 -41.58 12.40
C ASP A 2 -10.96 -40.59 11.34
N VAL A 3 -11.93 -40.12 10.59
CA VAL A 3 -11.65 -39.20 9.51
C VAL A 3 -12.67 -38.11 9.54
N GLU A 4 -12.21 -36.87 9.40
CA GLU A 4 -13.11 -35.73 9.47
C GLU A 4 -13.04 -35.07 8.13
N GLU A 5 -14.18 -34.96 7.47
CA GLU A 5 -14.18 -34.43 6.12
C GLU A 5 -14.34 -32.93 6.09
N ALA A 6 -13.32 -32.22 6.55
CA ALA A 6 -13.36 -30.77 6.51
C ALA A 6 -13.95 -30.35 5.21
N ILE A 7 -13.38 -30.83 4.11
CA ILE A 7 -13.92 -30.53 2.79
C ILE A 7 -14.48 -29.11 2.71
N VAL A 11 -15.01 -22.84 -5.67
CA VAL A 11 -15.21 -22.25 -4.37
C VAL A 11 -15.90 -20.93 -4.49
N VAL A 12 -15.19 -19.96 -5.05
CA VAL A 12 -15.75 -18.63 -5.16
C VAL A 12 -15.27 -18.06 -6.45
N HIS A 13 -16.20 -17.93 -7.39
CA HIS A 13 -15.86 -17.40 -8.67
C HIS A 13 -16.20 -15.96 -8.74
N VAL A 14 -15.64 -15.27 -9.72
CA VAL A 14 -15.95 -13.88 -9.90
C VAL A 14 -17.41 -13.73 -10.28
N ALA A 15 -17.95 -12.53 -10.14
CA ALA A 15 -19.34 -12.27 -10.47
C ALA A 15 -19.60 -12.50 -11.96
N ASP A 16 -20.79 -13.01 -12.26
CA ASP A 16 -21.19 -13.25 -13.64
C ASP A 16 -21.70 -11.96 -14.28
N THR A 17 -21.92 -12.02 -15.60
CA THR A 17 -22.44 -10.87 -16.32
C THR A 17 -23.84 -11.17 -16.72
N MET A 18 -24.75 -10.29 -16.36
CA MET A 18 -26.14 -10.51 -16.66
C MET A 18 -26.52 -9.83 -17.95
N ARG A 19 -27.56 -10.32 -18.58
CA ARG A 19 -27.96 -9.75 -19.86
C ARG A 19 -28.63 -8.42 -19.68
N SER A 20 -28.40 -7.52 -20.62
CA SER A 20 -28.94 -6.16 -20.54
C SER A 20 -29.46 -5.75 -21.91
N GLY A 21 -30.59 -5.05 -21.92
CA GLY A 21 -31.19 -4.58 -23.14
C GLY A 21 -31.18 -3.08 -23.25
N PRO A 22 -31.79 -2.54 -24.30
CA PRO A 22 -31.86 -1.08 -24.44
C PRO A 22 -32.60 -0.45 -23.27
N SER A 23 -32.16 0.74 -22.88
CA SER A 23 -32.73 1.44 -21.74
C SER A 23 -32.90 2.91 -22.08
N ASN A 24 -33.90 3.55 -21.47
CA ASN A 24 -34.14 4.98 -21.63
C ASN A 24 -34.91 5.37 -20.39
N SER A 25 -34.26 5.98 -19.42
CA SER A 25 -34.88 6.32 -18.14
C SER A 25 -34.08 7.45 -17.51
N ALA A 26 -34.55 7.91 -16.34
CA ALA A 26 -33.89 8.99 -15.63
C ALA A 26 -32.68 8.53 -14.82
N SER A 27 -32.54 7.22 -14.59
CA SER A 27 -31.39 6.73 -13.86
C SER A 27 -30.11 6.95 -14.67
N VAL A 28 -29.05 7.37 -13.99
CA VAL A 28 -27.78 7.67 -14.63
C VAL A 28 -26.65 6.98 -13.89
N PRO A 29 -26.52 5.66 -14.01
CA PRO A 29 -25.42 4.97 -13.30
C PRO A 29 -24.05 5.47 -13.68
N ALA A 30 -23.85 5.90 -14.92
CA ALA A 30 -22.53 6.32 -15.37
C ALA A 30 -22.06 7.57 -14.65
N LEU A 31 -22.98 8.47 -14.29
CA LEU A 31 -22.62 9.73 -13.65
C LEU A 31 -22.50 9.53 -12.15
N THR A 32 -21.42 10.05 -11.58
CA THR A 32 -21.16 9.93 -10.15
C THR A 32 -20.36 11.15 -9.70
N ALA A 33 -19.80 11.07 -8.49
CA ALA A 33 -19.00 12.17 -7.94
C ALA A 33 -17.89 11.55 -7.10
N VAL A 34 -16.64 11.68 -7.57
CA VAL A 34 -15.50 11.13 -6.84
C VAL A 34 -15.15 11.96 -5.61
N GLU A 35 -15.71 13.16 -5.47
CA GLU A 35 -15.39 13.99 -4.31
C GLU A 35 -15.75 13.30 -3.00
N THR A 36 -16.70 12.38 -3.01
CA THR A 36 -17.09 11.66 -1.81
C THR A 36 -16.03 10.67 -1.34
N GLY A 37 -14.99 10.42 -2.13
CA GLY A 37 -14.05 9.38 -1.80
C GLY A 37 -14.56 7.99 -2.05
N HIS A 38 -15.65 7.86 -2.80
CA HIS A 38 -16.29 6.59 -3.07
C HIS A 38 -15.99 6.14 -4.49
N THR A 39 -15.51 4.91 -4.64
CA THR A 39 -15.20 4.35 -5.94
C THR A 39 -16.47 3.78 -6.57
N SER A 40 -16.74 4.17 -7.81
CA SER A 40 -17.96 3.75 -8.48
C SER A 40 -18.01 2.24 -8.61
N GLN A 41 -19.21 1.68 -8.44
CA GLN A 41 -19.43 0.25 -8.52
C GLN A 41 -20.14 -0.15 -9.82
N VAL A 42 -20.05 0.68 -10.86
CA VAL A 42 -20.72 0.36 -12.11
C VAL A 42 -20.05 -0.86 -12.75
N THR A 43 -20.82 -1.52 -13.62
CA THR A 43 -20.39 -2.70 -14.36
C THR A 43 -20.72 -2.48 -15.82
N PRO A 44 -20.05 -3.22 -16.72
CA PRO A 44 -20.32 -3.00 -18.16
C PRO A 44 -21.77 -3.17 -18.53
N SER A 45 -22.52 -3.91 -17.73
CA SER A 45 -23.91 -4.14 -18.03
C SER A 45 -24.76 -2.90 -17.88
N ASP A 46 -24.22 -1.83 -17.31
CA ASP A 46 -24.98 -0.62 -17.09
C ASP A 46 -24.80 0.38 -18.17
N THR A 47 -23.81 0.19 -19.01
CA THR A 47 -23.50 1.19 -20.02
C THR A 47 -23.73 0.70 -21.44
N MET A 48 -23.85 -0.61 -21.63
CA MET A 48 -24.00 -1.16 -22.97
C MET A 48 -24.74 -2.48 -22.87
N GLN A 49 -25.33 -2.90 -23.98
CA GLN A 49 -26.00 -4.19 -24.02
C GLN A 49 -24.97 -5.30 -23.92
N THR A 50 -25.28 -6.32 -23.12
CA THR A 50 -24.35 -7.42 -22.88
C THR A 50 -25.11 -8.73 -22.90
N ARG A 51 -24.39 -9.80 -23.22
CA ARG A 51 -24.92 -11.15 -23.19
C ARG A 51 -24.69 -11.77 -21.81
N HIS A 52 -25.40 -12.86 -21.55
CA HIS A 52 -25.22 -13.59 -20.30
C HIS A 52 -23.97 -14.44 -20.39
N VAL A 53 -23.07 -14.26 -19.42
CA VAL A 53 -21.83 -14.98 -19.43
C VAL A 53 -21.56 -15.50 -18.05
N LYS A 54 -21.17 -16.76 -17.96
CA LYS A 54 -20.89 -17.36 -16.67
C LYS A 54 -19.40 -17.47 -16.49
N ASN A 55 -18.87 -16.81 -15.47
CA ASN A 55 -17.44 -16.79 -15.27
C ASN A 55 -16.99 -17.82 -14.29
N TYR A 56 -15.99 -18.60 -14.66
CA TYR A 56 -15.41 -19.61 -13.77
C TYR A 56 -14.06 -19.20 -13.24
N HIS A 57 -13.60 -17.98 -13.54
CA HIS A 57 -12.34 -17.50 -13.00
C HIS A 57 -12.45 -17.31 -11.50
N SER A 58 -11.35 -17.58 -10.80
CA SER A 58 -11.29 -17.43 -9.35
C SER A 58 -10.06 -16.61 -8.99
N ARG A 59 -10.12 -15.96 -7.84
CA ARG A 59 -9.04 -15.13 -7.33
C ARG A 59 -8.20 -15.87 -6.30
N SER A 60 -8.03 -17.17 -6.48
CA SER A 60 -7.33 -17.98 -5.50
C SER A 60 -5.86 -17.55 -5.38
N GLU A 61 -5.24 -17.21 -6.49
CA GLU A 61 -3.80 -16.92 -6.49
C GLU A 61 -3.48 -15.50 -6.04
N SER A 62 -4.49 -14.66 -5.79
CA SER A 62 -4.27 -13.28 -5.38
C SER A 62 -4.40 -13.08 -3.88
N THR A 63 -4.68 -14.12 -3.11
CA THR A 63 -4.79 -13.98 -1.66
C THR A 63 -3.42 -13.63 -1.08
N VAL A 64 -3.43 -12.96 0.07
CA VAL A 64 -2.19 -12.57 0.71
C VAL A 64 -1.37 -13.79 1.09
N GLU A 65 -2.04 -14.86 1.52
CA GLU A 65 -1.34 -16.07 1.92
C GLU A 65 -0.47 -16.59 0.78
N ASN A 66 -1.03 -16.67 -0.43
CA ASN A 66 -0.27 -17.13 -1.57
C ASN A 66 0.72 -16.09 -2.07
N PHE A 67 0.35 -14.80 -1.98
CA PHE A 67 1.24 -13.75 -2.45
C PHE A 67 2.53 -13.73 -1.67
N LEU A 68 2.45 -13.87 -0.34
CA LEU A 68 3.61 -13.86 0.53
C LEU A 68 4.13 -15.26 0.84
N GLY A 69 3.50 -16.31 0.32
CA GLY A 69 3.91 -17.67 0.64
C GLY A 69 4.94 -18.22 -0.32
N ARG A 70 6.05 -17.51 -0.49
CA ARG A 70 7.15 -17.97 -1.33
C ARG A 70 8.47 -17.68 -0.62
N SER A 71 9.35 -18.68 -0.61
CA SER A 71 10.65 -18.51 0.02
C SER A 71 11.48 -17.50 -0.77
N ALA A 72 12.13 -16.59 -0.05
CA ALA A 72 12.94 -15.55 -0.66
C ALA A 72 14.24 -15.38 0.12
N CYS A 73 15.33 -15.17 -0.61
CA CYS A 73 16.62 -14.93 0.03
C CYS A 73 16.61 -13.61 0.77
N VAL A 74 17.21 -13.59 1.96
CA VAL A 74 17.26 -12.40 2.79
C VAL A 74 18.66 -12.03 3.21
N TYR A 75 19.65 -12.90 3.03
CA TYR A 75 21.00 -12.60 3.46
C TYR A 75 21.94 -13.69 2.97
N MET A 76 23.18 -13.30 2.66
CA MET A 76 24.25 -14.25 2.39
C MET A 76 25.56 -13.69 2.90
N GLU A 77 26.44 -14.58 3.35
CA GLU A 77 27.73 -14.17 3.88
C GLU A 77 28.70 -15.33 3.73
N GLU A 78 29.99 -14.99 3.70
CA GLU A 78 31.06 -15.97 3.52
C GLU A 78 31.92 -16.04 4.77
N TYR A 79 32.34 -17.26 5.12
CA TYR A 79 33.23 -17.48 6.24
C TYR A 79 34.20 -18.59 5.89
N LYS A 80 35.46 -18.40 6.25
CA LYS A 80 36.53 -19.32 5.91
C LYS A 80 36.77 -20.31 7.04
N THR A 81 37.23 -21.50 6.68
CA THR A 81 37.51 -22.52 7.68
C THR A 81 38.76 -22.20 8.49
N THR A 82 39.74 -21.56 7.85
CA THR A 82 40.98 -21.19 8.52
C THR A 82 41.52 -19.90 7.92
N ASP A 83 41.93 -18.98 8.78
CA ASP A 83 42.49 -17.71 8.35
C ASP A 83 43.14 -17.04 9.54
N ASN A 84 43.97 -16.03 9.25
CA ASN A 84 44.65 -15.31 10.32
C ASN A 84 43.70 -14.42 11.10
N ASP A 85 42.76 -13.77 10.41
CA ASP A 85 41.80 -12.88 11.07
C ASP A 85 40.74 -13.70 11.76
N VAL A 86 40.54 -13.47 13.06
CA VAL A 86 39.56 -14.24 13.83
C VAL A 86 38.15 -13.91 13.38
N ASN A 87 37.89 -12.63 13.09
CA ASN A 87 36.54 -12.21 12.73
C ASN A 87 36.08 -12.75 11.39
N LYS A 88 36.98 -13.30 10.58
CA LYS A 88 36.65 -13.76 9.24
C LYS A 88 36.33 -15.25 9.19
N LYS A 89 36.33 -15.94 10.34
CA LYS A 89 36.07 -17.37 10.38
C LYS A 89 34.65 -17.71 10.85
N PHE A 90 33.80 -16.70 11.05
CA PHE A 90 32.42 -16.94 11.44
C PHE A 90 31.59 -15.71 11.08
N VAL A 91 30.27 -15.90 11.08
CA VAL A 91 29.35 -14.85 10.69
C VAL A 91 28.51 -14.45 11.89
N ALA A 92 28.09 -13.18 11.90
CA ALA A 92 27.21 -12.66 12.95
C ALA A 92 26.28 -11.66 12.28
N TRP A 93 24.99 -12.01 12.18
CA TRP A 93 24.02 -11.22 11.45
C TRP A 93 22.88 -10.79 12.36
N PRO A 94 22.63 -9.49 12.52
CA PRO A 94 21.39 -9.06 13.20
C PRO A 94 20.19 -9.26 12.30
N ILE A 95 19.23 -10.05 12.78
CA ILE A 95 18.11 -10.45 11.94
C ILE A 95 17.32 -9.22 11.52
N ASN A 96 16.96 -9.17 10.23
CA ASN A 96 16.12 -8.12 9.69
C ASN A 96 15.75 -8.49 8.27
N THR A 97 14.66 -7.90 7.78
CA THR A 97 14.14 -8.19 6.45
C THR A 97 14.34 -7.05 5.47
N LYS A 98 15.18 -6.06 5.81
CA LYS A 98 15.40 -4.89 4.97
C LYS A 98 16.65 -5.00 4.10
N GLN A 99 17.30 -6.16 4.08
CA GLN A 99 18.57 -6.27 3.38
C GLN A 99 18.38 -6.55 1.88
N MET A 100 17.39 -7.37 1.53
CA MET A 100 17.17 -7.77 0.14
C MET A 100 15.96 -7.03 -0.43
N VAL A 101 16.17 -6.41 -1.60
CA VAL A 101 15.24 -5.42 -2.10
C VAL A 101 13.90 -6.06 -2.47
N GLN A 102 13.92 -7.22 -3.12
CA GLN A 102 12.67 -7.81 -3.59
C GLN A 102 11.75 -8.14 -2.42
N MET A 103 12.25 -8.88 -1.44
CA MET A 103 11.43 -9.22 -0.28
C MET A 103 11.07 -7.97 0.51
N ARG A 104 11.98 -7.00 0.60
CA ARG A 104 11.67 -5.76 1.29
C ARG A 104 10.46 -5.08 0.67
N ARG A 105 10.47 -4.92 -0.65
CA ARG A 105 9.35 -4.27 -1.32
C ARG A 105 8.08 -5.09 -1.18
N LYS A 106 8.18 -6.42 -1.28
CA LYS A 106 6.99 -7.24 -1.13
C LYS A 106 6.37 -7.05 0.26
N LEU A 107 7.20 -7.00 1.30
CA LEU A 107 6.68 -6.85 2.65
C LEU A 107 6.14 -5.45 2.89
N GLU A 108 6.80 -4.43 2.35
CA GLU A 108 6.42 -3.05 2.63
C GLU A 108 5.14 -2.62 1.95
N MET A 109 4.36 -3.50 1.29
CA MET A 109 3.06 -3.12 0.78
C MET A 109 1.99 -3.09 1.87
N PHE A 110 2.31 -3.53 3.08
CA PHE A 110 1.39 -3.52 4.20
C PHE A 110 2.07 -2.88 5.40
N THR A 111 1.28 -2.28 6.27
CA THR A 111 1.80 -1.60 7.45
C THR A 111 2.05 -2.55 8.61
N TYR A 112 1.14 -3.48 8.85
CA TYR A 112 1.25 -4.42 9.97
C TYR A 112 1.06 -5.84 9.46
N LEU A 113 1.87 -6.75 9.98
CA LEU A 113 1.84 -8.15 9.57
C LEU A 113 1.90 -9.04 10.80
N ARG A 114 1.35 -10.24 10.67
CA ARG A 114 1.36 -11.23 11.74
C ARG A 114 1.37 -12.61 11.10
N PHE A 115 2.47 -13.34 11.28
CA PHE A 115 2.61 -14.62 10.59
C PHE A 115 3.63 -15.48 11.32
N ASP A 116 3.55 -16.78 11.08
CA ASP A 116 4.62 -17.70 11.42
C ASP A 116 5.67 -17.68 10.32
N MET A 117 6.86 -18.19 10.65
CA MET A 117 8.00 -18.13 9.75
C MET A 117 8.58 -19.52 9.56
N GLU A 118 9.00 -19.79 8.33
CA GLU A 118 9.70 -21.02 7.97
C GLU A 118 11.05 -20.65 7.38
N VAL A 119 12.13 -21.09 8.03
CA VAL A 119 13.48 -20.69 7.67
C VAL A 119 14.20 -21.90 7.08
N THR A 120 14.87 -21.68 5.94
CA THR A 120 15.65 -22.70 5.28
C THR A 120 17.05 -22.16 5.03
N PHE A 121 18.06 -23.01 5.25
CA PHE A 121 19.46 -22.62 5.11
C PHE A 121 20.10 -23.43 3.99
N VAL A 122 20.77 -22.74 3.08
CA VAL A 122 21.50 -23.37 1.98
C VAL A 122 22.97 -23.04 2.17
N ILE A 123 23.81 -24.07 2.27
CA ILE A 123 25.23 -23.91 2.54
C ILE A 123 26.02 -24.61 1.45
N THR A 124 27.03 -23.91 0.92
CA THR A 124 27.91 -24.47 -0.10
C THR A 124 29.34 -24.10 0.23
N SER A 125 30.28 -24.90 -0.26
CA SER A 125 31.69 -24.73 0.03
C SER A 125 32.50 -24.83 -1.25
N ARG A 126 33.66 -24.17 -1.26
CA ARG A 126 34.56 -24.22 -2.39
C ARG A 126 35.98 -24.02 -1.88
N GLN A 127 36.93 -24.64 -2.57
CA GLN A 127 38.33 -24.53 -2.21
C GLN A 127 38.93 -23.26 -2.78
N ASP A 128 39.61 -22.50 -1.93
CA ASP A 128 40.22 -21.26 -2.35
C ASP A 128 41.39 -21.54 -3.31
N PRO A 129 41.61 -20.66 -4.28
CA PRO A 129 42.75 -20.87 -5.19
C PRO A 129 44.07 -20.73 -4.46
N GLY A 130 45.09 -21.40 -4.97
CA GLY A 130 46.39 -21.35 -4.35
C GLY A 130 47.29 -22.30 -5.09
N THR A 131 48.58 -22.28 -4.76
CA THR A 131 49.52 -23.13 -5.43
C THR A 131 49.23 -24.57 -5.13
N THR A 132 49.37 -24.95 -3.86
CA THR A 132 49.15 -26.32 -3.50
C THR A 132 47.72 -26.56 -3.17
N LEU A 133 47.02 -27.29 -4.02
CA LEU A 133 45.66 -27.65 -3.70
C LEU A 133 45.47 -29.14 -3.40
N ALA A 134 46.52 -29.95 -3.51
CA ALA A 134 46.38 -31.39 -3.30
C ALA A 134 46.19 -31.67 -1.81
N GLN A 135 44.99 -32.08 -1.44
CA GLN A 135 44.70 -32.46 -0.06
C GLN A 135 43.50 -33.38 -0.05
N ASP A 136 43.35 -34.09 1.07
CA ASP A 136 42.20 -34.95 1.31
C ASP A 136 41.52 -34.51 2.60
N MET A 137 40.25 -34.13 2.50
CA MET A 137 39.51 -33.60 3.64
C MET A 137 38.18 -34.31 3.75
N PRO A 138 37.83 -34.87 4.91
CA PRO A 138 36.50 -35.48 5.07
C PRO A 138 35.39 -34.47 4.92
N VAL A 139 34.14 -34.94 4.95
CA VAL A 139 33.00 -34.04 4.80
C VAL A 139 32.96 -33.06 5.96
N LEU A 140 32.52 -31.84 5.68
CA LEU A 140 32.47 -30.78 6.66
C LEU A 140 31.12 -30.77 7.38
N THR A 141 31.10 -30.14 8.55
CA THR A 141 29.89 -29.96 9.33
C THR A 141 29.81 -28.50 9.79
N HIS A 142 28.58 -28.00 9.88
CA HIS A 142 28.34 -26.60 10.22
C HIS A 142 27.35 -26.51 11.37
N GLN A 143 27.48 -25.43 12.15
CA GLN A 143 26.60 -25.17 13.27
C GLN A 143 25.94 -23.80 13.08
N ILE A 144 24.62 -23.75 13.23
CA ILE A 144 23.86 -22.51 13.16
C ILE A 144 23.31 -22.24 14.55
N MET A 145 23.65 -21.09 15.11
CA MET A 145 23.28 -20.72 16.47
C MET A 145 22.41 -19.47 16.44
N TYR A 146 21.31 -19.49 17.19
CA TYR A 146 20.40 -18.36 17.31
C TYR A 146 20.46 -17.84 18.74
N VAL A 147 20.74 -16.56 18.88
CA VAL A 147 20.90 -15.94 20.20
C VAL A 147 19.84 -14.87 20.38
N PRO A 148 18.79 -15.11 21.15
CA PRO A 148 17.81 -14.06 21.43
C PRO A 148 18.49 -12.85 22.04
N PRO A 149 17.85 -11.68 22.01
CA PRO A 149 18.51 -10.47 22.48
C PRO A 149 18.93 -10.59 23.94
N GLY A 150 20.11 -10.05 24.24
CA GLY A 150 20.62 -10.02 25.60
C GLY A 150 21.48 -11.21 25.98
N GLY A 151 21.52 -12.25 25.16
CA GLY A 151 22.33 -13.41 25.46
C GLY A 151 23.80 -13.18 25.13
N PRO A 152 24.64 -14.08 25.61
CA PRO A 152 26.07 -13.98 25.32
C PRO A 152 26.35 -14.17 23.84
N ILE A 153 27.39 -13.50 23.36
CA ILE A 153 27.77 -13.52 21.95
C ILE A 153 29.18 -14.08 21.86
N PRO A 154 29.44 -15.08 21.01
CA PRO A 154 30.81 -15.57 20.87
C PRO A 154 31.71 -14.53 20.23
N ALA A 155 32.98 -14.55 20.63
CA ALA A 155 33.98 -13.63 20.10
C ALA A 155 35.02 -14.33 19.22
N LYS A 156 34.98 -15.65 19.14
CA LYS A 156 35.92 -16.39 18.30
C LYS A 156 35.29 -17.74 17.98
N VAL A 157 35.90 -18.42 17.00
CA VAL A 157 35.32 -19.67 16.50
C VAL A 157 35.21 -20.72 17.59
N ASP A 158 36.20 -20.78 18.49
CA ASP A 158 36.26 -21.80 19.53
C ASP A 158 35.91 -21.24 20.90
N ASP A 159 34.96 -20.30 20.94
CA ASP A 159 34.54 -19.71 22.19
C ASP A 159 33.64 -20.67 22.97
N TYR A 160 33.55 -20.45 24.28
CA TYR A 160 32.72 -21.29 25.12
C TYR A 160 31.24 -21.14 24.81
N ALA A 161 30.82 -20.00 24.27
CA ALA A 161 29.40 -19.77 24.03
C ALA A 161 28.81 -20.76 23.03
N TRP A 162 29.65 -21.44 22.26
CA TRP A 162 29.18 -22.39 21.26
C TRP A 162 28.68 -23.69 21.88
N GLN A 163 28.59 -23.78 23.20
CA GLN A 163 28.14 -24.99 23.89
C GLN A 163 26.67 -24.90 24.24
N THR A 164 25.87 -24.36 23.33
CA THR A 164 24.49 -23.96 23.58
C THR A 164 23.78 -24.93 24.52
N SER A 165 23.26 -24.39 25.62
CA SER A 165 22.46 -25.17 26.56
C SER A 165 20.99 -24.78 26.53
N THR A 166 20.67 -23.55 26.13
CA THR A 166 19.28 -23.10 26.03
C THR A 166 19.03 -22.51 24.65
N ASN A 167 20.06 -21.93 24.05
CA ASN A 167 19.91 -21.36 22.71
C ASN A 167 19.70 -22.48 21.70
N PRO A 168 18.65 -22.44 20.88
CA PRO A 168 18.49 -23.47 19.85
C PRO A 168 19.61 -23.42 18.84
N SER A 169 19.94 -24.59 18.29
CA SER A 169 21.01 -24.69 17.31
C SER A 169 20.72 -25.85 16.38
N ILE A 170 21.37 -25.82 15.21
CA ILE A 170 21.24 -26.87 14.21
C ILE A 170 22.64 -27.28 13.77
N PHE A 171 22.89 -28.59 13.73
CA PHE A 171 24.12 -29.15 13.18
C PHE A 171 23.79 -29.83 11.87
N TRP A 172 24.49 -29.44 10.80
CA TRP A 172 24.18 -29.89 9.46
C TRP A 172 25.46 -30.37 8.78
N THR A 173 25.36 -31.45 8.02
CA THR A 173 26.49 -32.06 7.33
C THR A 173 26.30 -31.92 5.82
N GLU A 174 27.38 -31.57 5.13
CA GLU A 174 27.31 -31.34 3.70
C GLU A 174 26.91 -32.63 2.98
N GLY A 175 26.14 -32.45 1.90
CA GLY A 175 25.67 -33.56 1.09
C GLY A 175 24.24 -33.98 1.36
N ASN A 176 23.61 -33.47 2.41
CA ASN A 176 22.25 -33.82 2.74
C ASN A 176 21.31 -32.70 2.29
N ALA A 177 20.03 -32.85 2.63
CA ALA A 177 19.06 -31.84 2.27
C ALA A 177 19.30 -30.56 3.09
N PRO A 178 18.91 -29.40 2.56
CA PRO A 178 19.09 -28.16 3.31
C PRO A 178 18.32 -28.18 4.62
N ALA A 179 18.90 -27.55 5.64
CA ALA A 179 18.26 -27.48 6.94
C ALA A 179 17.00 -26.62 6.88
N ARG A 180 16.02 -26.97 7.70
CA ARG A 180 14.75 -26.26 7.73
C ARG A 180 14.21 -26.28 9.15
N MET A 181 13.39 -25.29 9.50
CA MET A 181 12.90 -25.15 10.86
C MET A 181 11.80 -24.11 10.87
N SER A 182 10.90 -24.16 11.84
CA SER A 182 9.82 -23.19 11.95
C SER A 182 9.95 -22.34 13.18
N ILE A 183 9.38 -21.15 13.14
CA ILE A 183 9.45 -20.24 14.27
C ILE A 183 8.12 -19.56 14.39
N PRO A 184 7.61 -19.40 15.61
CA PRO A 184 6.28 -18.83 15.77
C PRO A 184 6.23 -17.31 15.67
N PHE A 185 5.10 -16.67 15.97
CA PHE A 185 5.02 -15.22 16.00
C PHE A 185 5.64 -14.73 17.30
N ILE A 186 6.77 -14.04 17.20
CA ILE A 186 7.61 -13.75 18.38
C ILE A 186 7.73 -12.26 18.63
N SER A 187 6.68 -11.49 18.31
CA SER A 187 6.71 -10.05 18.55
C SER A 187 6.10 -9.73 19.91
N ILE A 188 6.71 -8.77 20.60
CA ILE A 188 6.16 -8.33 21.89
C ILE A 188 4.82 -7.65 21.67
N GLY A 189 4.67 -6.91 20.58
CA GLY A 189 3.40 -6.30 20.23
C GLY A 189 2.45 -7.29 19.60
N ASN A 190 1.29 -6.78 19.21
CA ASN A 190 0.26 -7.62 18.60
C ASN A 190 0.51 -7.89 17.12
N ALA A 191 1.51 -7.26 16.51
CA ALA A 191 1.80 -7.48 15.11
C ALA A 191 3.10 -6.79 14.75
N TYR A 192 3.81 -7.38 13.78
CA TYR A 192 5.00 -6.73 13.24
C TYR A 192 4.63 -5.42 12.57
N SER A 193 5.52 -4.44 12.68
CA SER A 193 5.32 -3.13 12.07
C SER A 193 6.46 -2.86 11.10
N ASN A 194 6.13 -2.73 9.81
CA ASN A 194 7.15 -2.41 8.82
C ASN A 194 7.60 -0.96 8.90
N PHE A 195 6.70 -0.07 9.33
CA PHE A 195 7.02 1.34 9.45
C PHE A 195 6.67 1.81 10.86
N TYR A 196 7.50 2.70 11.40
CA TYR A 196 7.29 3.27 12.73
C TYR A 196 7.68 4.74 12.67
N ASP A 197 6.66 5.62 12.66
CA ASP A 197 6.89 7.05 12.63
C ASP A 197 6.95 7.56 14.07
N GLY A 198 8.14 7.49 14.64
CA GLY A 198 8.32 7.92 16.01
C GLY A 198 9.78 7.81 16.41
N TRP A 199 10.05 8.21 17.64
CA TRP A 199 11.40 8.25 18.19
C TRP A 199 11.54 7.23 19.31
N SER A 200 12.76 7.11 19.82
CA SER A 200 13.05 6.19 20.91
C SER A 200 12.87 6.84 22.27
N ASN A 201 13.45 8.03 22.47
CA ASN A 201 13.33 8.74 23.73
C ASN A 201 12.00 9.47 23.81
N PHE A 202 11.57 9.76 25.03
CA PHE A 202 10.27 10.39 25.24
C PHE A 202 10.29 11.88 24.90
N ASP A 203 11.47 12.49 24.79
CA ASP A 203 11.59 13.89 24.41
C ASP A 203 11.83 14.08 22.92
N GLN A 204 11.41 13.11 22.10
CA GLN A 204 11.55 13.19 20.65
C GLN A 204 13.02 13.38 20.25
N ARG A 205 13.82 12.39 20.61
CA ARG A 205 15.25 12.42 20.31
C ARG A 205 15.76 10.99 20.26
N GLY A 206 16.90 10.81 19.60
CA GLY A 206 17.51 9.50 19.48
C GLY A 206 17.26 8.84 18.15
N SER A 207 17.16 7.51 18.14
CA SER A 207 16.91 6.79 16.90
C SER A 207 15.51 7.07 16.39
N TYR A 208 15.35 7.15 15.08
CA TYR A 208 14.05 7.41 14.48
C TYR A 208 13.81 6.44 13.39
N GLY A 209 12.67 5.79 13.42
CA GLY A 209 12.32 4.86 12.36
C GLY A 209 12.08 3.47 12.85
N TYR A 210 12.01 2.53 11.93
CA TYR A 210 11.72 1.17 12.30
C TYR A 210 12.90 0.51 12.97
N ASN A 211 14.07 1.07 12.81
CA ASN A 211 15.22 0.53 13.49
C ASN A 211 14.91 0.41 14.97
N THR A 212 14.09 1.29 15.52
CA THR A 212 13.85 1.27 16.96
C THR A 212 13.21 -0.04 17.41
N LEU A 213 12.40 -0.67 16.56
CA LEU A 213 11.61 -1.82 16.93
C LEU A 213 12.26 -3.14 16.54
N ASN A 214 13.50 -3.12 16.03
CA ASN A 214 14.18 -4.33 15.59
C ASN A 214 14.95 -4.91 16.78
N ASN A 215 14.36 -5.90 17.43
CA ASN A 215 14.99 -6.56 18.58
C ASN A 215 14.80 -8.08 18.47
N LEU A 216 15.08 -8.63 17.29
CA LEU A 216 14.84 -10.04 17.03
C LEU A 216 16.01 -10.95 17.41
N GLY A 217 17.20 -10.41 17.56
CA GLY A 217 18.36 -11.19 17.97
C GLY A 217 19.43 -11.26 16.91
N HIS A 218 20.19 -12.35 16.97
CA HIS A 218 21.32 -12.57 16.07
C HIS A 218 21.36 -14.03 15.65
N ILE A 219 22.11 -14.29 14.58
CA ILE A 219 22.38 -15.65 14.10
C ILE A 219 23.87 -15.78 13.89
N TYR A 220 24.44 -16.90 14.35
CA TYR A 220 25.87 -17.17 14.24
C TYR A 220 26.09 -18.51 13.55
N VAL A 221 27.15 -18.57 12.75
CA VAL A 221 27.48 -19.78 12.00
C VAL A 221 28.99 -19.98 12.00
N ARG A 222 29.40 -21.26 12.05
CA ARG A 222 30.81 -21.60 12.07
C ARG A 222 30.97 -23.03 11.55
N HIS A 223 32.22 -23.37 11.22
CA HIS A 223 32.58 -24.75 11.00
C HIS A 223 32.81 -25.42 12.35
N VAL A 224 32.17 -26.58 12.55
CA VAL A 224 32.20 -27.23 13.86
C VAL A 224 33.63 -27.43 14.32
N SER A 225 34.39 -28.24 13.59
CA SER A 225 35.80 -28.45 13.90
C SER A 225 36.69 -28.49 12.67
N GLY A 226 36.15 -28.27 11.48
CA GLY A 226 36.95 -28.32 10.27
C GLY A 226 38.02 -27.25 10.25
N SER A 227 39.28 -27.67 10.06
CA SER A 227 40.39 -26.74 9.87
C SER A 227 41.37 -27.42 8.94
N SER A 228 41.22 -27.16 7.64
CA SER A 228 42.01 -27.83 6.63
C SER A 228 43.40 -27.22 6.54
N PRO A 229 44.37 -27.97 6.00
CA PRO A 229 45.69 -27.38 5.77
C PRO A 229 45.64 -26.16 4.85
N HIS A 230 44.71 -26.14 3.90
CA HIS A 230 44.54 -25.02 3.00
C HIS A 230 43.16 -24.39 3.19
N PRO A 231 43.02 -23.08 2.97
CA PRO A 231 41.74 -22.42 3.26
C PRO A 231 40.61 -22.99 2.42
N ILE A 232 39.42 -23.02 3.01
CA ILE A 232 38.18 -23.36 2.33
C ILE A 232 37.13 -22.33 2.70
N THR A 233 36.40 -21.85 1.70
CA THR A 233 35.40 -20.81 1.88
C THR A 233 34.01 -21.42 1.77
N SER A 234 33.12 -21.01 2.67
CA SER A 234 31.74 -21.47 2.68
C SER A 234 30.80 -20.28 2.64
N THR A 235 29.65 -20.47 2.01
CA THR A 235 28.64 -19.43 1.88
C THR A 235 27.30 -19.96 2.37
N ILE A 236 26.59 -19.14 3.12
CA ILE A 236 25.29 -19.49 3.66
C ILE A 236 24.24 -18.53 3.10
N ARG A 237 23.09 -19.07 2.74
CA ARG A 237 21.96 -18.29 2.27
C ARG A 237 20.73 -18.58 3.12
N VAL A 238 20.07 -17.52 3.58
CA VAL A 238 18.92 -17.64 4.47
C VAL A 238 17.66 -17.31 3.68
N TYR A 239 16.65 -18.16 3.79
CA TYR A 239 15.39 -17.98 3.08
C TYR A 239 14.25 -17.95 4.08
N PHE A 240 13.39 -16.96 3.94
CA PHE A 240 12.22 -16.78 4.80
C PHE A 240 10.95 -17.08 4.00
N LYS A 241 9.97 -17.65 4.69
CA LYS A 241 8.71 -18.05 4.05
C LYS A 241 7.57 -17.86 5.05
N PRO A 242 6.87 -16.73 4.98
CA PRO A 242 5.76 -16.51 5.92
C PRO A 242 4.67 -17.56 5.77
N LYS A 243 4.04 -17.88 6.90
CA LYS A 243 2.92 -18.80 6.95
C LYS A 243 1.82 -18.23 7.82
N HIS A 244 0.58 -18.58 7.51
CA HIS A 244 -0.58 -18.17 8.30
C HIS A 244 -0.64 -16.65 8.41
N THR A 245 -0.55 -15.98 7.26
CA THR A 245 -0.32 -14.55 7.23
C THR A 245 -1.60 -13.76 7.42
N ARG A 246 -1.46 -12.56 7.98
CA ARG A 246 -2.53 -11.58 8.08
C ARG A 246 -1.91 -10.20 7.93
N ALA A 247 -2.63 -9.30 7.25
CA ALA A 247 -2.10 -7.98 6.94
C ALA A 247 -3.17 -6.93 7.18
N TRP A 248 -2.71 -5.70 7.44
CA TRP A 248 -3.60 -4.58 7.69
C TRP A 248 -3.04 -3.32 7.03
N VAL A 249 -3.94 -2.40 6.71
CA VAL A 249 -3.59 -1.06 6.24
C VAL A 249 -2.63 -1.14 5.05
N PRO A 250 -3.10 -1.51 3.87
CA PRO A 250 -2.22 -1.49 2.69
C PRO A 250 -1.79 -0.08 2.33
N ARG A 251 -0.60 0.02 1.76
CA ARG A 251 0.00 1.29 1.38
C ARG A 251 0.59 1.18 -0.01
N PRO A 252 0.77 2.29 -0.70
CA PRO A 252 1.21 2.22 -2.10
C PRO A 252 2.59 1.61 -2.19
N PRO A 253 2.86 0.86 -3.26
CA PRO A 253 4.22 0.32 -3.43
C PRO A 253 5.25 1.42 -3.62
N ARG A 254 6.48 1.12 -3.20
CA ARG A 254 7.55 2.09 -3.34
C ARG A 254 7.88 2.35 -4.80
N LEU A 255 8.33 3.57 -5.08
CA LEU A 255 8.70 3.98 -6.42
C LEU A 255 10.19 4.23 -6.59
N CYS A 256 10.86 4.75 -5.55
CA CYS A 256 12.27 5.05 -5.64
C CYS A 256 13.11 3.87 -5.18
N GLN A 257 14.32 3.79 -5.71
CA GLN A 257 15.24 2.71 -5.34
C GLN A 257 15.69 2.87 -3.90
N TYR A 258 15.83 1.72 -3.22
CA TYR A 258 16.34 1.71 -1.86
C TYR A 258 17.81 2.10 -1.84
N LYS A 259 18.22 2.75 -0.75
CA LYS A 259 19.60 3.18 -0.59
C LYS A 259 20.20 2.87 0.78
N LYS A 260 19.39 2.62 1.81
CA LYS A 260 19.88 2.29 3.13
C LYS A 260 19.10 1.10 3.68
N ALA A 261 19.77 0.30 4.49
CA ALA A 261 19.16 -0.90 5.05
C ALA A 261 18.30 -0.62 6.28
N PHE A 262 18.43 0.56 6.90
CA PHE A 262 17.68 0.87 8.11
C PHE A 262 17.10 2.28 8.05
N SER A 263 16.71 2.74 6.86
CA SER A 263 16.17 4.07 6.70
C SER A 263 15.31 4.10 5.44
N VAL A 264 14.47 5.14 5.35
CA VAL A 264 13.64 5.33 4.17
C VAL A 264 14.25 6.32 3.19
N ASP A 265 15.47 6.78 3.44
CA ASP A 265 16.09 7.78 2.58
C ASP A 265 16.00 7.35 1.12
N PHE A 266 15.89 8.35 0.24
CA PHE A 266 15.73 8.09 -1.19
C PHE A 266 16.13 9.34 -1.95
N THR A 267 16.16 9.20 -3.27
CA THR A 267 16.39 10.31 -4.18
C THR A 267 15.13 10.54 -5.03
N PRO A 268 14.74 11.79 -5.28
CA PRO A 268 13.52 12.02 -6.07
C PRO A 268 13.61 11.36 -7.43
N THR A 269 12.48 10.82 -7.88
CA THR A 269 12.39 10.09 -9.14
C THR A 269 11.22 10.61 -9.95
N PRO A 270 11.31 10.59 -11.28
CA PRO A 270 10.17 11.00 -12.09
C PRO A 270 8.98 10.05 -11.89
N ILE A 271 7.78 10.60 -12.08
CA ILE A 271 6.57 9.82 -11.86
C ILE A 271 6.55 8.60 -12.80
N THR A 272 6.88 8.81 -14.06
CA THR A 272 6.89 7.73 -15.05
C THR A 272 7.65 8.22 -16.27
N ASP A 273 7.70 7.35 -17.29
CA ASP A 273 8.41 7.68 -18.52
C ASP A 273 7.56 8.60 -19.40
N THR A 274 8.20 9.15 -20.43
CA THR A 274 7.58 10.14 -21.29
C THR A 274 7.31 9.56 -22.67
N ARG A 275 6.51 10.30 -23.44
CA ARG A 275 6.21 9.97 -24.82
C ARG A 275 6.16 11.25 -25.63
N LYS A 276 6.08 11.11 -26.96
CA LYS A 276 6.22 12.26 -27.85
C LYS A 276 5.19 13.33 -27.52
N ASP A 277 3.91 12.97 -27.44
CA ASP A 277 2.87 13.94 -27.12
C ASP A 277 1.66 13.20 -26.58
N ILE A 278 0.66 13.97 -26.16
CA ILE A 278 -0.53 13.41 -25.54
C ILE A 278 -1.37 12.56 -26.49
N ASN A 279 -1.14 12.68 -27.81
CA ASN A 279 -1.89 11.92 -28.79
C ASN A 279 -1.13 10.72 -29.34
N THR A 280 0.18 10.68 -29.17
CA THR A 280 0.96 9.57 -29.70
C THR A 280 0.46 8.25 -29.11
N VAL A 281 0.20 7.29 -29.99
CA VAL A 281 -0.35 6.00 -29.57
C VAL A 281 0.44 4.87 -30.22
N THR A 282 1.25 5.19 -31.22
CA THR A 282 2.04 4.18 -31.91
C THR A 282 3.27 3.81 -31.07
N THR A 283 3.94 2.74 -31.50
CA THR A 283 5.13 2.26 -30.82
C THR A 283 6.25 3.29 -30.90
N SER B 1 -32.48 17.40 1.43
CA SER B 1 -31.20 17.44 0.72
C SER B 1 -30.10 16.80 1.54
N ASP B 2 -29.17 16.12 0.86
CA ASP B 2 -28.04 15.48 1.51
C ASP B 2 -26.77 16.31 1.43
N ARG B 3 -26.87 17.56 0.99
CA ARG B 3 -25.70 18.43 0.88
C ARG B 3 -25.44 19.21 2.16
N VAL B 4 -26.28 19.07 3.18
CA VAL B 4 -26.14 19.77 4.44
C VAL B 4 -25.79 18.76 5.52
N ARG B 5 -24.80 19.11 6.34
CA ARG B 5 -24.33 18.24 7.41
C ARG B 5 -24.13 19.06 8.68
N SER B 6 -24.33 18.42 9.81
CA SER B 6 -24.14 19.05 11.11
C SER B 6 -23.50 18.05 12.06
N ILE B 7 -22.44 18.47 12.75
CA ILE B 7 -21.71 17.63 13.68
C ILE B 7 -21.61 18.37 15.01
N THR B 8 -21.94 17.68 16.10
CA THR B 8 -21.95 18.28 17.43
C THR B 8 -21.10 17.41 18.35
N LEU B 9 -19.97 17.96 18.82
CA LEU B 9 -19.11 17.30 19.78
C LEU B 9 -18.90 18.23 20.97
N GLY B 10 -19.16 17.73 22.18
CA GLY B 10 -18.96 18.54 23.35
C GLY B 10 -19.80 19.80 23.30
N ASN B 11 -19.13 20.94 23.47
CA ASN B 11 -19.80 22.24 23.47
C ASN B 11 -19.53 23.01 22.21
N SER B 12 -19.28 22.31 21.13
CA SER B 12 -18.98 22.95 19.85
C SER B 12 -19.76 22.26 18.75
N THR B 13 -20.04 23.00 17.68
CA THR B 13 -20.81 22.49 16.56
C THR B 13 -20.22 22.99 15.26
N ILE B 14 -20.31 22.16 14.23
CA ILE B 14 -19.87 22.50 12.88
C ILE B 14 -21.04 22.32 11.93
N THR B 15 -21.32 23.35 11.13
CA THR B 15 -22.39 23.31 10.15
C THR B 15 -21.81 23.63 8.78
N THR B 16 -22.09 22.76 7.81
CA THR B 16 -21.69 22.98 6.43
C THR B 16 -22.91 22.87 5.54
N GLN B 17 -23.03 23.75 4.56
CA GLN B 17 -24.19 23.73 3.67
C GLN B 17 -23.90 23.10 2.33
N GLU B 18 -22.65 23.07 1.91
CA GLU B 18 -22.27 22.41 0.68
C GLU B 18 -21.21 21.43 1.02
N CYS B 19 -21.54 20.15 0.97
CA CYS B 19 -20.60 19.16 1.39
C CYS B 19 -20.92 17.80 0.88
N ALA B 20 -19.90 17.01 0.63
CA ALA B 20 -20.11 15.63 0.24
C ALA B 20 -20.41 14.89 1.52
N ASN B 21 -20.47 13.58 1.45
CA ASN B 21 -20.84 12.83 2.63
C ASN B 21 -19.60 12.66 3.49
N VAL B 22 -19.67 11.89 4.56
CA VAL B 22 -18.54 11.64 5.42
C VAL B 22 -17.90 10.28 5.27
N VAL B 23 -16.59 10.25 5.09
CA VAL B 23 -15.82 9.01 5.01
C VAL B 23 -15.46 8.57 6.42
N VAL B 24 -15.71 7.29 6.72
CA VAL B 24 -15.45 6.75 8.04
C VAL B 24 -14.28 5.77 7.97
N GLY B 25 -13.07 6.29 8.16
CA GLY B 25 -11.87 5.47 8.26
C GLY B 25 -11.87 4.28 7.33
N TYR B 26 -11.71 3.09 7.89
CA TYR B 26 -11.80 1.83 7.16
C TYR B 26 -13.13 1.14 7.43
N GLY B 27 -14.20 1.91 7.57
CA GLY B 27 -15.50 1.37 7.92
C GLY B 27 -15.71 1.12 9.39
N ARG B 28 -14.78 1.54 10.24
CA ARG B 28 -14.87 1.31 11.68
C ARG B 28 -15.05 2.64 12.40
N TRP B 29 -16.03 2.69 13.28
CA TRP B 29 -16.27 3.89 14.07
C TRP B 29 -15.41 3.88 15.32
N PRO B 30 -14.93 5.03 15.78
CA PRO B 30 -14.13 5.05 17.01
C PRO B 30 -14.90 4.50 18.20
N THR B 31 -14.20 3.81 19.08
CA THR B 31 -14.83 3.18 20.24
C THR B 31 -13.79 3.03 21.35
N TYR B 32 -14.29 2.81 22.56
CA TYR B 32 -13.44 2.63 23.72
C TYR B 32 -12.77 1.26 23.69
N LEU B 33 -11.72 1.12 24.49
CA LEU B 33 -10.98 -0.13 24.55
C LEU B 33 -11.76 -1.18 25.31
N ARG B 34 -11.77 -2.40 24.79
CA ARG B 34 -12.51 -3.50 25.41
C ARG B 34 -11.72 -4.06 26.59
N ASP B 35 -12.42 -4.83 27.42
CA ASP B 35 -11.77 -5.44 28.59
C ASP B 35 -10.90 -6.61 28.20
N ASP B 36 -11.22 -7.29 27.11
CA ASP B 36 -10.47 -8.47 26.68
C ASP B 36 -9.29 -8.13 25.79
N GLU B 37 -9.05 -6.85 25.49
CA GLU B 37 -7.89 -6.43 24.71
C GLU B 37 -6.95 -5.52 25.47
N ALA B 38 -7.34 -5.02 26.64
CA ALA B 38 -6.49 -4.12 27.40
C ALA B 38 -5.31 -4.87 28.00
N THR B 39 -4.26 -4.13 28.32
CA THR B 39 -3.08 -4.67 28.97
C THR B 39 -2.73 -3.95 30.26
N ALA B 40 -2.96 -2.64 30.33
CA ALA B 40 -2.71 -1.89 31.55
C ALA B 40 -3.68 -2.33 32.64
N GLU B 41 -3.23 -2.27 33.89
CA GLU B 41 -4.01 -2.80 35.02
C GLU B 41 -4.90 -1.76 35.68
N ASP B 42 -4.41 -0.53 35.85
CA ASP B 42 -5.12 0.47 36.62
C ASP B 42 -6.31 1.03 35.84
N GLN B 43 -7.17 1.74 36.56
CA GLN B 43 -8.37 2.31 35.96
C GLN B 43 -7.99 3.44 35.02
N PRO B 44 -8.55 3.51 33.81
CA PRO B 44 -8.30 4.67 32.95
C PRO B 44 -9.14 5.87 33.34
N THR B 45 -8.80 7.01 32.76
CA THR B 45 -9.56 8.24 32.93
C THR B 45 -10.17 8.64 31.61
N GLN B 46 -11.45 8.97 31.60
CA GLN B 46 -12.11 9.26 30.35
C GLN B 46 -12.69 10.63 30.39
N PRO B 47 -11.81 11.63 30.32
CA PRO B 47 -12.35 12.96 30.23
C PRO B 47 -13.20 12.92 29.01
N ASP B 48 -14.43 13.39 29.04
CA ASP B 48 -15.28 13.25 27.87
C ASP B 48 -15.46 14.57 27.18
N VAL B 49 -16.45 15.34 27.57
CA VAL B 49 -16.73 16.57 26.87
C VAL B 49 -15.59 17.53 27.00
N ALA B 50 -14.76 17.34 28.01
CA ALA B 50 -13.67 18.25 28.24
C ALA B 50 -12.66 18.17 27.14
N THR B 51 -12.46 16.97 26.60
CA THR B 51 -11.44 16.79 25.58
C THR B 51 -12.01 16.50 24.20
N CYS B 52 -13.16 15.84 24.11
CA CYS B 52 -13.75 15.48 22.82
C CYS B 52 -14.53 16.69 22.29
N ARG B 53 -13.81 17.59 21.63
CA ARG B 53 -14.42 18.80 21.09
C ARG B 53 -13.55 19.31 19.95
N PHE B 54 -14.12 20.21 19.15
CA PHE B 54 -13.45 20.71 17.96
C PHE B 54 -12.43 21.79 18.33
N TYR B 55 -11.24 21.69 17.76
CA TYR B 55 -10.19 22.69 17.90
C TYR B 55 -9.83 23.22 16.52
N THR B 56 -9.75 24.53 16.39
CA THR B 56 -9.39 25.16 15.12
C THR B 56 -7.88 25.30 15.05
N LEU B 57 -7.19 24.82 14.03
CA LEU B 57 -5.76 25.09 13.91
C LEU B 57 -5.55 26.43 13.18
N ASP B 58 -4.32 26.94 13.08
CA ASP B 58 -4.04 28.19 12.33
C ASP B 58 -4.45 27.99 10.92
N SER B 59 -4.70 29.08 10.21
CA SER B 59 -5.15 28.98 8.85
C SER B 59 -4.01 29.24 7.92
N ILE B 60 -4.12 28.75 6.69
CA ILE B 60 -3.07 28.95 5.71
C ILE B 60 -3.61 29.65 4.49
N LYS B 61 -2.74 30.26 3.72
CA LYS B 61 -3.13 30.93 2.48
C LYS B 61 -2.85 30.01 1.30
N TRP B 62 -3.84 29.86 0.43
CA TRP B 62 -3.70 29.10 -0.82
C TRP B 62 -3.43 30.09 -1.94
N GLU B 63 -2.21 30.10 -2.45
CA GLU B 63 -1.82 30.96 -3.55
C GLU B 63 -1.82 30.19 -4.86
N LYS B 64 -1.49 30.90 -5.94
CA LYS B 64 -1.40 30.24 -7.24
C LYS B 64 -0.19 29.32 -7.31
N GLY B 65 0.84 29.59 -6.52
CA GLY B 65 2.05 28.79 -6.51
C GLY B 65 2.18 27.82 -5.36
N SER B 66 1.11 27.59 -4.59
CA SER B 66 1.19 26.66 -3.47
C SER B 66 1.42 25.23 -3.97
N VAL B 67 2.08 24.43 -3.14
CA VAL B 67 2.45 23.07 -3.52
C VAL B 67 1.82 22.05 -2.59
N GLY B 68 1.58 22.44 -1.34
CA GLY B 68 0.96 21.54 -0.39
C GLY B 68 1.49 21.75 1.01
N TRP B 69 0.83 21.10 1.96
CA TRP B 69 1.18 21.20 3.36
C TRP B 69 0.90 19.87 4.05
N TRP B 70 1.51 19.65 5.21
CA TRP B 70 1.20 18.48 6.02
C TRP B 70 1.22 18.85 7.49
N TRP B 71 0.46 18.10 8.28
CA TRP B 71 0.47 18.20 9.73
C TRP B 71 0.61 16.81 10.33
N LYS B 72 1.25 16.72 11.48
CA LYS B 72 1.44 15.46 12.19
C LYS B 72 0.69 15.50 13.50
N PHE B 73 -0.08 14.43 13.78
CA PHE B 73 -0.89 14.35 14.97
C PHE B 73 -0.40 13.22 15.88
N PRO B 74 -0.65 13.31 17.20
CA PRO B 74 -1.34 14.39 17.90
C PRO B 74 -0.42 15.54 18.32
N GLU B 75 0.82 15.54 17.79
CA GLU B 75 1.74 16.61 18.12
C GLU B 75 1.16 17.98 17.78
N ALA B 76 0.31 18.04 16.75
CA ALA B 76 -0.33 19.31 16.40
C ALA B 76 -1.23 19.81 17.53
N LEU B 77 -1.98 18.90 18.16
CA LEU B 77 -2.85 19.25 19.28
C LEU B 77 -2.15 19.15 20.62
N SER B 78 -0.82 18.93 20.61
CA SER B 78 -0.09 18.71 21.86
C SER B 78 -0.29 19.83 22.87
N ASP B 79 -0.53 21.06 22.41
CA ASP B 79 -0.62 22.23 23.29
C ASP B 79 -1.96 22.94 23.08
N MET B 80 -3.05 22.16 23.08
CA MET B 80 -4.39 22.69 22.85
C MET B 80 -5.29 22.25 24.00
N GLY B 81 -5.94 23.21 24.65
CA GLY B 81 -6.94 22.95 25.67
C GLY B 81 -6.48 21.93 26.70
N LEU B 82 -7.47 21.21 27.25
CA LEU B 82 -7.19 20.16 28.22
C LEU B 82 -6.65 18.90 27.57
N PHE B 83 -6.82 18.74 26.26
CA PHE B 83 -6.22 17.61 25.57
C PHE B 83 -4.70 17.62 25.74
N GLY B 84 -4.08 18.78 25.56
CA GLY B 84 -2.65 18.88 25.76
C GLY B 84 -2.24 18.58 27.18
N GLN B 85 -3.00 19.06 28.16
CA GLN B 85 -2.67 18.79 29.55
C GLN B 85 -2.73 17.30 29.84
N ASN B 86 -3.79 16.63 29.37
CA ASN B 86 -3.90 15.20 29.59
C ASN B 86 -2.77 14.45 28.90
N MET B 87 -2.39 14.88 27.70
CA MET B 87 -1.23 14.29 27.04
C MET B 87 0.03 14.45 27.88
N GLN B 88 0.22 15.65 28.45
CA GLN B 88 1.44 15.90 29.22
C GLN B 88 1.48 15.07 30.48
N TYR B 89 0.36 14.91 31.17
CA TYR B 89 0.35 14.31 32.49
C TYR B 89 0.20 12.80 32.49
N HIS B 90 0.02 12.17 31.33
CA HIS B 90 -0.22 10.74 31.26
C HIS B 90 0.84 10.05 30.41
N TYR B 91 1.04 8.76 30.69
CA TYR B 91 2.05 7.98 29.98
C TYR B 91 1.48 7.34 28.72
N LEU B 92 0.21 6.94 28.75
CA LEU B 92 -0.42 6.26 27.64
C LEU B 92 -1.66 7.02 27.20
N GLY B 93 -1.98 6.92 25.91
CA GLY B 93 -3.14 7.60 25.37
C GLY B 93 -3.76 6.80 24.24
N ARG B 94 -5.00 7.14 23.93
CA ARG B 94 -5.76 6.44 22.88
C ARG B 94 -6.98 7.26 22.50
N ALA B 95 -7.15 7.56 21.22
CA ALA B 95 -8.28 8.37 20.81
C ALA B 95 -8.39 8.36 19.29
N GLY B 96 -9.63 8.35 18.80
CA GLY B 96 -9.90 8.61 17.41
C GLY B 96 -9.96 10.09 17.13
N TYR B 97 -10.20 10.46 15.88
CA TYR B 97 -10.29 11.86 15.52
C TYR B 97 -11.26 12.12 14.40
N THR B 98 -11.75 13.35 14.30
CA THR B 98 -12.60 13.73 13.20
C THR B 98 -11.97 14.93 12.62
N ILE B 99 -11.69 14.91 11.33
CA ILE B 99 -11.01 16.01 10.71
C ILE B 99 -11.92 16.68 9.73
N HIS B 100 -12.03 18.00 9.83
CA HIS B 100 -12.86 18.79 8.94
C HIS B 100 -12.02 19.91 8.37
N VAL B 101 -11.90 19.95 7.05
CA VAL B 101 -11.09 20.96 6.38
C VAL B 101 -12.01 21.82 5.61
N GLN B 102 -11.77 23.12 5.61
CA GLN B 102 -12.68 24.04 4.99
C GLN B 102 -12.04 24.94 3.99
N CYS B 103 -12.63 25.03 2.81
CA CYS B 103 -12.14 25.91 1.78
C CYS B 103 -13.31 26.32 0.94
N ASN B 104 -13.61 27.60 0.89
CA ASN B 104 -14.74 28.12 0.14
C ASN B 104 -14.26 29.14 -0.87
N ALA B 105 -14.88 29.14 -2.04
CA ALA B 105 -14.54 30.10 -3.10
C ALA B 105 -15.78 30.29 -3.97
N SER B 106 -15.77 31.37 -4.74
CA SER B 106 -16.91 31.70 -5.58
C SER B 106 -17.06 30.66 -6.68
N LYS B 107 -18.11 30.82 -7.49
CA LYS B 107 -18.35 29.94 -8.62
C LYS B 107 -17.41 30.20 -9.79
N PHE B 108 -16.66 31.29 -9.77
CA PHE B 108 -15.74 31.63 -10.84
C PHE B 108 -14.31 31.20 -10.57
N HIS B 109 -14.06 30.54 -9.44
CA HIS B 109 -12.75 29.98 -9.14
C HIS B 109 -12.69 28.51 -9.55
N GLN B 110 -11.47 28.02 -9.75
CA GLN B 110 -11.26 26.62 -10.11
C GLN B 110 -10.03 26.10 -9.37
N GLY B 111 -10.07 24.82 -9.05
CA GLY B 111 -9.00 24.18 -8.33
C GLY B 111 -9.48 22.91 -7.65
N CYS B 112 -8.52 22.08 -7.27
CA CYS B 112 -8.84 20.81 -6.64
C CYS B 112 -7.79 20.49 -5.58
N LEU B 113 -8.24 20.04 -4.42
CA LEU B 113 -7.37 19.66 -3.31
C LEU B 113 -7.61 18.22 -2.94
N LEU B 114 -6.55 17.52 -2.57
CA LEU B 114 -6.63 16.17 -2.04
C LEU B 114 -6.39 16.20 -0.54
N VAL B 115 -7.34 15.66 0.22
CA VAL B 115 -7.24 15.56 1.67
C VAL B 115 -7.16 14.09 2.03
N VAL B 116 -6.07 13.71 2.69
CA VAL B 116 -5.79 12.30 2.97
C VAL B 116 -5.10 12.20 4.32
N CYS B 117 -5.43 11.14 5.07
CA CYS B 117 -4.79 10.83 6.33
C CYS B 117 -3.91 9.60 6.14
N VAL B 118 -2.61 9.75 6.37
CA VAL B 118 -1.62 8.71 6.11
C VAL B 118 -1.16 8.15 7.45
N PRO B 119 -1.54 6.94 7.83
CA PRO B 119 -1.01 6.35 9.07
C PRO B 119 0.42 5.88 8.90
N GLU B 120 1.25 6.18 9.90
CA GLU B 120 2.66 5.79 9.91
C GLU B 120 3.38 6.35 8.69
N ALA B 121 3.33 7.67 8.56
CA ALA B 121 3.93 8.37 7.43
C ALA B 121 5.40 8.67 7.73
N GLU B 122 6.19 7.61 7.75
CA GLU B 122 7.63 7.75 7.98
C GLU B 122 8.25 8.49 6.80
N MET B 123 9.13 9.45 7.09
CA MET B 123 9.72 10.31 6.07
C MET B 123 11.24 10.17 6.08
N GLY B 124 11.84 10.39 4.91
CA GLY B 124 13.27 10.29 4.75
C GLY B 124 13.93 11.66 4.71
N GLY B 125 15.19 11.68 5.12
CA GLY B 125 15.92 12.93 5.16
C GLY B 125 16.27 13.46 3.79
N ALA B 126 16.58 14.75 3.75
CA ALA B 126 16.92 15.39 2.48
C ALA B 126 18.17 14.78 1.88
N VAL B 127 19.19 14.52 2.69
CA VAL B 127 20.44 13.93 2.26
C VAL B 127 20.46 12.48 2.74
N VAL B 128 20.60 11.53 1.83
CA VAL B 128 20.50 10.15 2.26
C VAL B 128 21.68 9.83 3.14
N GLY B 129 21.41 9.43 4.37
CA GLY B 129 22.47 9.16 5.31
C GLY B 129 22.38 10.02 6.57
N GLN B 130 22.31 11.33 6.41
CA GLN B 130 22.27 12.22 7.56
C GLN B 130 20.93 12.12 8.26
N ALA B 131 20.81 12.71 9.44
CA ALA B 131 19.58 12.63 10.21
C ALA B 131 19.07 14.00 10.59
N PHE B 132 17.84 14.06 11.10
CA PHE B 132 17.27 15.35 11.42
C PHE B 132 16.67 15.36 12.80
N SER B 133 16.60 16.50 13.46
CA SER B 133 15.93 16.60 14.75
C SER B 133 14.41 16.56 14.57
N ALA B 134 13.70 16.49 15.69
CA ALA B 134 12.25 16.47 15.65
C ALA B 134 11.69 17.88 15.55
N THR B 135 12.20 18.65 14.59
CA THR B 135 11.73 20.00 14.33
C THR B 135 11.46 20.25 12.85
N ALA B 136 12.03 19.46 11.96
CA ALA B 136 11.81 19.62 10.53
C ALA B 136 10.50 19.02 10.06
N MET B 137 9.76 18.32 10.92
CA MET B 137 8.48 17.76 10.54
C MET B 137 7.35 18.05 11.53
N ALA B 138 7.66 18.59 12.71
CA ALA B 138 6.61 18.85 13.69
C ALA B 138 7.11 19.87 14.69
N ASN B 139 6.45 21.02 14.78
CA ASN B 139 6.79 22.07 15.73
C ASN B 139 5.51 22.68 16.29
N GLY B 140 4.53 21.84 16.62
CA GLY B 140 3.26 22.32 17.12
C GLY B 140 2.19 22.31 16.05
N ASP B 141 1.36 23.36 16.04
CA ASP B 141 0.26 23.44 15.09
C ASP B 141 0.65 24.06 13.75
N LYS B 142 1.87 24.56 13.62
CA LYS B 142 2.28 25.20 12.38
C LYS B 142 2.31 24.18 11.25
N ALA B 143 1.99 24.64 10.04
CA ALA B 143 1.97 23.77 8.87
C ALA B 143 3.33 23.78 8.19
N TYR B 144 3.73 22.62 7.68
CA TYR B 144 4.98 22.47 6.94
C TYR B 144 4.67 22.38 5.45
N GLU B 145 5.51 23.00 4.64
CA GLU B 145 5.25 23.17 3.22
C GLU B 145 6.08 22.19 2.39
N PHE B 146 5.44 21.59 1.40
CA PHE B 146 6.16 20.82 0.40
C PHE B 146 6.95 21.78 -0.51
N THR B 147 7.76 21.19 -1.38
CA THR B 147 8.56 21.96 -2.32
C THR B 147 8.45 21.35 -3.71
N SER B 148 8.47 22.21 -4.73
CA SER B 148 8.40 21.73 -6.10
C SER B 148 9.71 21.07 -6.51
N ALA B 149 10.84 21.68 -6.16
CA ALA B 149 12.16 21.15 -6.50
C ALA B 149 12.64 20.20 -5.41
N THR B 150 13.76 19.53 -5.70
CA THR B 150 14.34 18.61 -4.74
C THR B 150 15.01 19.38 -3.61
N GLN B 151 14.74 18.96 -2.38
CA GLN B 151 15.31 19.62 -1.22
C GLN B 151 16.82 19.39 -1.18
N SER B 152 17.54 20.40 -0.70
CA SER B 152 19.00 20.35 -0.64
C SER B 152 19.55 20.52 0.77
N ASP B 153 18.85 21.21 1.66
CA ASP B 153 19.34 21.40 3.01
C ASP B 153 19.32 20.08 3.77
N GLN B 154 20.43 19.77 4.44
CA GLN B 154 20.57 18.49 5.13
C GLN B 154 19.83 18.45 6.46
N THR B 155 19.34 19.58 6.95
CA THR B 155 18.71 19.64 8.27
C THR B 155 17.20 19.45 8.21
N LYS B 156 16.63 19.18 7.04
CA LYS B 156 15.19 19.05 6.90
C LYS B 156 14.85 17.86 6.02
N VAL B 157 13.57 17.53 5.98
CA VAL B 157 13.10 16.36 5.26
C VAL B 157 13.06 16.64 3.77
N GLN B 158 13.15 15.58 2.97
CA GLN B 158 13.00 15.69 1.52
C GLN B 158 11.57 16.06 1.19
N THR B 159 11.37 17.25 0.62
CA THR B 159 10.04 17.82 0.41
C THR B 159 9.56 17.69 -1.03
N ALA B 160 10.19 16.84 -1.84
CA ALA B 160 9.74 16.64 -3.21
C ALA B 160 8.27 16.25 -3.23
N ILE B 161 7.44 17.11 -3.82
CA ILE B 161 6.00 16.89 -3.77
C ILE B 161 5.62 15.61 -4.51
N HIS B 162 6.18 15.40 -5.69
CA HIS B 162 5.78 14.24 -6.48
C HIS B 162 6.12 12.91 -5.82
N ASN B 163 7.00 12.92 -4.81
CA ASN B 163 7.29 11.71 -4.04
C ASN B 163 6.64 11.73 -2.66
N ALA B 164 6.18 12.89 -2.19
CA ALA B 164 5.46 13.00 -0.92
C ALA B 164 6.34 12.65 0.27
N GLY B 165 7.66 12.73 0.12
CA GLY B 165 8.55 12.46 1.22
C GLY B 165 8.54 11.04 1.73
N MET B 166 7.94 10.11 0.98
CA MET B 166 7.90 8.71 1.38
C MET B 166 8.45 7.77 0.31
N GLY B 167 8.93 8.31 -0.81
CA GLY B 167 9.44 7.46 -1.87
C GLY B 167 8.38 6.72 -2.65
N VAL B 168 7.14 7.23 -2.68
CA VAL B 168 6.04 6.58 -3.37
C VAL B 168 5.40 7.60 -4.31
N GLY B 169 4.69 7.07 -5.32
CA GLY B 169 3.98 7.91 -6.25
C GLY B 169 2.89 8.73 -5.58
N VAL B 170 2.91 10.04 -5.79
CA VAL B 170 1.93 10.91 -5.14
C VAL B 170 0.52 10.56 -5.59
N GLY B 171 0.36 10.05 -6.80
CA GLY B 171 -0.95 9.72 -7.31
C GLY B 171 -1.56 8.47 -6.72
N ASN B 172 -0.78 7.68 -5.98
CA ASN B 172 -1.27 6.45 -5.38
C ASN B 172 -1.74 6.63 -3.95
N LEU B 173 -1.73 7.85 -3.43
CA LEU B 173 -2.22 8.10 -2.08
C LEU B 173 -3.71 7.86 -1.94
N THR B 174 -4.41 7.59 -3.03
CA THR B 174 -5.84 7.33 -2.98
C THR B 174 -6.16 6.10 -2.14
N ILE B 175 -5.19 5.23 -1.90
CA ILE B 175 -5.46 4.01 -1.14
C ILE B 175 -5.86 4.32 0.28
N TYR B 176 -5.28 5.37 0.88
CA TYR B 176 -5.64 5.76 2.23
C TYR B 176 -7.01 6.45 2.24
N PRO B 177 -7.64 6.56 3.41
CA PRO B 177 -8.88 7.33 3.50
C PRO B 177 -8.64 8.77 3.06
N HIS B 178 -9.58 9.32 2.31
CA HIS B 178 -9.35 10.60 1.66
C HIS B 178 -10.66 11.19 1.16
N GLN B 179 -10.58 12.45 0.74
CA GLN B 179 -11.65 13.11 0.02
C GLN B 179 -11.04 14.19 -0.85
N TRP B 180 -11.81 14.65 -1.84
CA TRP B 180 -11.40 15.72 -2.73
C TRP B 180 -12.25 16.96 -2.47
N ILE B 181 -11.62 18.12 -2.47
CA ILE B 181 -12.31 19.40 -2.37
C ILE B 181 -12.24 20.03 -3.75
N ASN B 182 -13.29 19.86 -4.53
CA ASN B 182 -13.40 20.45 -5.87
C ASN B 182 -14.27 21.69 -5.75
N LEU B 183 -13.71 22.85 -6.11
CA LEU B 183 -14.42 24.11 -5.91
C LEU B 183 -15.72 24.17 -6.70
N ARG B 184 -15.87 23.32 -7.72
CA ARG B 184 -17.12 23.32 -8.49
C ARG B 184 -18.30 22.91 -7.62
N THR B 185 -18.13 21.88 -6.79
CA THR B 185 -19.26 21.26 -6.11
C THR B 185 -19.07 21.01 -4.63
N ASN B 186 -17.91 21.38 -4.06
CA ASN B 186 -17.61 21.03 -2.68
C ASN B 186 -16.93 22.20 -1.99
N ASN B 187 -17.12 22.29 -0.67
CA ASN B 187 -16.47 23.29 0.15
C ASN B 187 -15.69 22.72 1.32
N SER B 188 -15.95 21.49 1.74
CA SER B 188 -15.28 20.92 2.90
C SER B 188 -15.19 19.42 2.76
N ALA B 189 -14.25 18.82 3.49
CA ALA B 189 -14.06 17.39 3.53
C ALA B 189 -14.05 16.93 4.99
N THR B 190 -14.70 15.79 5.25
CA THR B 190 -14.81 15.26 6.59
C THR B 190 -14.32 13.82 6.60
N ILE B 191 -13.40 13.52 7.51
CA ILE B 191 -12.83 12.18 7.65
C ILE B 191 -12.88 11.80 9.13
N VAL B 192 -13.29 10.56 9.40
CA VAL B 192 -13.32 10.01 10.75
C VAL B 192 -12.31 8.87 10.81
N MET B 193 -11.27 9.05 11.62
CA MET B 193 -10.18 8.09 11.71
C MET B 193 -10.26 7.32 13.02
N PRO B 194 -10.46 6.01 13.01
CA PRO B 194 -10.35 5.24 14.25
C PRO B 194 -8.89 5.10 14.67
N TYR B 195 -8.69 4.69 15.91
CA TYR B 195 -7.34 4.50 16.43
C TYR B 195 -6.71 3.29 15.75
N ILE B 196 -5.61 3.52 15.04
CA ILE B 196 -4.91 2.49 14.29
C ILE B 196 -3.49 2.40 14.83
N ASN B 197 -3.12 1.24 15.36
CA ASN B 197 -1.78 1.01 15.88
C ASN B 197 -1.62 -0.48 16.12
N SER B 198 -0.38 -0.90 16.31
CA SER B 198 -0.05 -2.29 16.56
C SER B 198 -0.16 -2.67 18.03
N VAL B 199 -0.46 -1.71 18.90
CA VAL B 199 -0.60 -1.98 20.34
C VAL B 199 -1.86 -1.28 20.84
N PRO B 200 -2.46 -1.76 21.94
CA PRO B 200 -3.71 -1.12 22.40
C PRO B 200 -3.54 0.36 22.73
N MET B 201 -2.43 0.79 23.29
CA MET B 201 -2.28 2.21 23.57
C MET B 201 -0.86 2.64 23.36
N ASP B 202 -0.59 3.93 23.48
CA ASP B 202 0.76 4.40 23.19
C ASP B 202 1.07 5.78 23.69
N ASN B 203 2.35 6.10 23.80
CA ASN B 203 2.75 7.42 24.24
C ASN B 203 2.47 8.39 23.14
N MET B 204 1.73 9.44 23.44
CA MET B 204 1.33 10.39 22.42
C MET B 204 2.42 11.41 22.07
N PHE B 205 3.48 11.49 22.87
CA PHE B 205 4.58 12.41 22.57
C PHE B 205 5.70 11.74 21.78
N ARG B 206 5.77 10.41 21.82
CA ARG B 206 6.88 9.71 21.18
C ARG B 206 6.53 9.20 19.79
N HIS B 207 5.25 8.99 19.51
CA HIS B 207 4.81 8.31 18.30
C HIS B 207 3.78 9.17 17.57
N TYR B 208 3.96 9.34 16.27
CA TYR B 208 2.99 10.05 15.43
C TYR B 208 2.02 9.03 14.84
N ASN B 209 0.76 9.09 15.27
CA ASN B 209 -0.21 8.09 14.82
C ASN B 209 -0.44 8.18 13.32
N PHE B 210 -0.68 9.39 12.81
CA PHE B 210 -0.95 9.57 11.39
C PHE B 210 -0.63 10.99 11.00
N THR B 211 -0.53 11.22 9.70
CA THR B 211 -0.19 12.51 9.13
C THR B 211 -1.30 12.96 8.20
N LEU B 212 -1.63 14.25 8.26
CA LEU B 212 -2.64 14.85 7.39
C LEU B 212 -1.94 15.63 6.28
N MET B 213 -2.35 15.41 5.05
CA MET B 213 -1.74 16.05 3.89
C MET B 213 -2.81 16.72 3.05
N VAL B 214 -2.50 17.93 2.58
CA VAL B 214 -3.35 18.67 1.65
C VAL B 214 -2.48 19.04 0.45
N ILE B 215 -2.87 18.58 -0.73
CA ILE B 215 -2.07 18.72 -1.93
C ILE B 215 -2.94 19.26 -3.05
N PRO B 216 -2.56 20.41 -3.61
CA PRO B 216 -3.30 20.91 -4.76
C PRO B 216 -2.92 20.15 -6.03
N PHE B 217 -3.86 19.40 -6.58
CA PHE B 217 -3.61 18.64 -7.81
C PHE B 217 -4.01 19.44 -9.02
N VAL B 218 -4.80 20.50 -8.83
CA VAL B 218 -5.19 21.38 -9.92
C VAL B 218 -4.97 22.74 -9.32
N LYS B 219 -3.96 23.47 -9.76
CA LYS B 219 -3.59 24.71 -9.09
C LYS B 219 -4.73 25.72 -9.19
N LEU B 220 -4.81 26.57 -8.17
CA LEU B 220 -5.84 27.59 -8.13
C LEU B 220 -5.69 28.57 -9.29
N ASP B 221 -6.82 29.02 -9.81
CA ASP B 221 -6.81 29.99 -10.91
C ASP B 221 -8.06 30.86 -10.82
N TYR B 222 -7.92 32.11 -11.26
CA TYR B 222 -9.01 33.08 -11.26
C TYR B 222 -8.57 34.25 -12.13
N ALA B 223 -9.52 35.11 -12.42
CA ALA B 223 -9.24 36.24 -13.27
C ALA B 223 -9.84 37.46 -12.66
N ASP B 224 -9.27 38.61 -12.99
CA ASP B 224 -9.78 39.86 -12.44
C ASP B 224 -9.91 39.68 -10.94
N THR B 225 -11.09 39.89 -10.37
CA THR B 225 -11.34 39.70 -8.92
C THR B 225 -10.41 40.40 -7.93
N ALA B 226 -10.99 40.92 -6.87
CA ALA B 226 -10.24 41.57 -5.80
C ALA B 226 -9.70 40.59 -4.75
N SER B 227 -10.12 39.33 -4.81
CA SER B 227 -9.64 38.32 -3.87
C SER B 227 -8.32 37.76 -4.38
N THR B 228 -7.27 37.84 -3.56
CA THR B 228 -5.94 37.43 -3.98
C THR B 228 -5.57 36.04 -3.51
N TYR B 229 -6.25 35.49 -2.51
CA TYR B 229 -5.92 34.17 -2.00
C TYR B 229 -7.17 33.54 -1.40
N VAL B 230 -7.12 32.22 -1.24
CA VAL B 230 -8.23 31.45 -0.68
C VAL B 230 -7.76 30.81 0.62
N PRO B 231 -8.19 31.31 1.79
CA PRO B 231 -7.75 30.71 3.05
C PRO B 231 -8.22 29.27 3.18
N ILE B 232 -7.41 28.46 3.86
CA ILE B 232 -7.74 27.08 4.19
C ILE B 232 -7.63 26.91 5.70
N THR B 233 -8.63 26.29 6.30
CA THR B 233 -8.67 26.08 7.74
C THR B 233 -8.92 24.61 8.03
N VAL B 234 -8.31 24.12 9.11
CA VAL B 234 -8.40 22.73 9.52
C VAL B 234 -8.93 22.68 10.94
N THR B 235 -9.95 21.85 11.17
CA THR B 235 -10.53 21.65 12.49
C THR B 235 -10.50 20.17 12.82
N VAL B 236 -10.13 19.85 14.06
CA VAL B 236 -9.98 18.47 14.50
C VAL B 236 -10.69 18.30 15.83
N ALA B 237 -11.13 17.07 16.12
CA ALA B 237 -11.83 16.77 17.36
C ALA B 237 -11.55 15.34 17.81
N PRO B 238 -10.84 15.14 18.91
CA PRO B 238 -10.66 13.77 19.42
C PRO B 238 -11.98 13.14 19.80
N MET B 239 -12.04 11.82 19.66
CA MET B 239 -13.25 11.06 19.96
C MET B 239 -12.89 9.85 20.83
N CYS B 240 -13.71 9.60 21.85
CA CYS B 240 -13.54 8.45 22.72
C CYS B 240 -12.12 8.39 23.28
N ALA B 241 -11.62 9.56 23.69
CA ALA B 241 -10.27 9.65 24.21
C ALA B 241 -10.21 9.14 25.65
N GLU B 242 -9.15 8.39 25.96
CA GLU B 242 -8.90 7.93 27.31
C GLU B 242 -7.39 7.87 27.53
N TYR B 243 -6.99 8.02 28.79
CA TYR B 243 -5.58 8.10 29.15
C TYR B 243 -5.29 7.15 30.30
N ASN B 244 -4.00 6.99 30.59
CA ASN B 244 -3.58 6.09 31.66
C ASN B 244 -2.12 6.36 31.99
N GLY B 245 -1.73 5.98 33.20
CA GLY B 245 -0.36 6.13 33.63
C GLY B 245 0.00 7.54 34.09
N LEU B 246 -0.63 8.00 35.16
CA LEU B 246 -0.35 9.33 35.70
C LEU B 246 1.08 9.37 36.25
N ARG B 247 1.89 10.23 35.67
CA ARG B 247 3.22 10.45 36.16
C ARG B 247 3.26 11.92 36.39
N LEU B 248 4.43 12.49 36.55
CA LEU B 248 4.54 13.93 36.65
C LEU B 248 4.33 14.46 35.28
N ALA B 249 3.99 15.72 35.12
CA ALA B 249 3.86 16.29 33.78
C ALA B 249 5.18 16.46 33.04
N GLN B 250 5.25 17.35 32.05
CA GLN B 250 6.49 17.68 31.34
C GLN B 250 6.83 16.75 30.21
N ALA B 251 5.90 15.90 29.82
CA ALA B 251 6.14 15.04 28.67
C ALA B 251 7.35 14.17 28.88
N GLY C 1 12.75 -52.40 9.25
CA GLY C 1 11.42 -51.74 9.44
C GLY C 1 10.55 -51.81 8.22
N LEU C 2 9.72 -50.79 8.02
CA LEU C 2 8.82 -50.77 6.88
C LEU C 2 9.62 -50.53 5.60
N PRO C 3 9.57 -51.43 4.61
CA PRO C 3 10.30 -51.18 3.37
C PRO C 3 9.78 -49.93 2.66
N THR C 4 10.71 -49.18 2.06
CA THR C 4 10.37 -47.97 1.34
C THR C 4 11.40 -47.74 0.24
N MET C 5 11.03 -46.91 -0.73
CA MET C 5 11.93 -46.50 -1.80
C MET C 5 11.74 -45.02 -2.07
N ASN C 6 12.86 -44.32 -2.26
CA ASN C 6 12.79 -42.90 -2.53
C ASN C 6 12.58 -42.63 -3.98
N THR C 7 11.71 -41.69 -4.28
CA THR C 7 11.36 -41.32 -5.64
C THR C 7 12.10 -40.06 -6.04
N PRO C 8 12.11 -39.72 -7.33
CA PRO C 8 12.77 -38.49 -7.77
C PRO C 8 12.19 -37.27 -7.06
N GLY C 9 13.03 -36.33 -6.67
CA GLY C 9 12.57 -35.15 -5.99
C GLY C 9 12.92 -35.12 -4.54
N SER C 10 13.43 -36.22 -4.03
CA SER C 10 13.81 -36.28 -2.65
C SER C 10 15.04 -35.43 -2.43
N THR C 11 15.14 -34.82 -1.26
CA THR C 11 16.29 -33.99 -0.92
C THR C 11 16.41 -32.74 -1.76
N GLN C 12 15.32 -32.29 -2.33
CA GLN C 12 15.33 -31.09 -3.12
C GLN C 12 14.73 -29.97 -2.34
N PHE C 13 15.05 -28.75 -2.69
CA PHE C 13 14.47 -27.58 -2.04
C PHE C 13 13.68 -26.80 -3.07
N LEU C 14 12.36 -26.90 -3.01
CA LEU C 14 11.46 -26.17 -3.90
C LEU C 14 10.87 -25.00 -3.12
N THR C 15 11.08 -23.78 -3.63
CA THR C 15 10.73 -22.59 -2.88
C THR C 15 9.24 -22.40 -2.69
N SER C 16 8.40 -23.16 -3.39
CA SER C 16 6.95 -23.04 -3.30
C SER C 16 6.29 -24.33 -2.81
N ASP C 17 6.93 -25.02 -1.87
CA ASP C 17 6.39 -26.26 -1.33
C ASP C 17 5.64 -25.99 -0.03
N ASP C 18 4.80 -26.95 0.35
CA ASP C 18 4.02 -26.89 1.59
C ASP C 18 4.29 -28.17 2.38
N PHE C 19 5.22 -28.09 3.34
CA PHE C 19 5.57 -29.23 4.17
C PHE C 19 5.64 -28.79 5.62
N GLN C 20 5.42 -29.74 6.52
CA GLN C 20 5.55 -29.49 7.94
C GLN C 20 7.02 -29.60 8.36
N SER C 21 7.40 -28.78 9.34
CA SER C 21 8.76 -28.76 9.84
C SER C 21 8.73 -28.60 11.35
N PRO C 22 9.78 -29.04 12.05
CA PRO C 22 9.80 -28.90 13.51
C PRO C 22 9.89 -27.44 13.94
N CYS C 23 9.38 -27.18 15.13
CA CYS C 23 9.44 -25.86 15.74
C CYS C 23 10.59 -25.81 16.74
N ALA C 24 11.40 -24.77 16.65
CA ALA C 24 12.57 -24.63 17.52
C ALA C 24 12.26 -23.92 18.83
N LEU C 25 11.03 -23.44 19.03
CA LEU C 25 10.62 -22.78 20.26
C LEU C 25 9.37 -23.49 20.75
N PRO C 26 9.50 -24.73 21.24
CA PRO C 26 8.31 -25.50 21.62
C PRO C 26 7.54 -24.82 22.75
N GLN C 27 6.22 -24.93 22.67
CA GLN C 27 5.32 -24.42 23.70
C GLN C 27 5.50 -22.91 23.89
N PHE C 28 5.81 -22.22 22.81
CA PHE C 28 5.91 -20.77 22.86
C PHE C 28 4.52 -20.15 22.85
N ASP C 29 4.30 -19.20 23.76
CA ASP C 29 3.00 -18.55 23.92
C ASP C 29 3.00 -17.26 23.12
N VAL C 30 2.17 -17.20 22.07
CA VAL C 30 2.10 -16.02 21.22
C VAL C 30 1.22 -14.96 21.86
N THR C 31 1.46 -13.72 21.47
CA THR C 31 0.67 -12.61 21.99
C THR C 31 -0.78 -12.73 21.51
N PRO C 32 -1.75 -12.39 22.36
CA PRO C 32 -3.15 -12.47 21.91
C PRO C 32 -3.41 -11.58 20.70
N SER C 33 -4.29 -12.06 19.83
CA SER C 33 -4.60 -11.33 18.61
C SER C 33 -5.52 -10.14 18.91
N MET C 34 -5.39 -9.12 18.09
CA MET C 34 -6.20 -7.90 18.21
C MET C 34 -6.70 -7.52 16.82
N ASN C 35 -7.96 -7.10 16.75
CA ASN C 35 -8.60 -6.80 15.46
C ASN C 35 -8.28 -5.34 15.09
N ILE C 36 -7.15 -5.17 14.42
CA ILE C 36 -6.78 -3.83 13.93
C ILE C 36 -7.71 -3.45 12.77
N PRO C 37 -8.12 -2.20 12.65
CA PRO C 37 -8.97 -1.82 11.52
C PRO C 37 -8.23 -1.95 10.19
N GLY C 38 -9.00 -2.27 9.15
CA GLY C 38 -8.47 -2.27 7.80
C GLY C 38 -7.72 -3.54 7.43
N GLU C 39 -8.33 -4.69 7.66
CA GLU C 39 -7.71 -5.95 7.28
C GLU C 39 -7.91 -6.21 5.79
N VAL C 40 -6.84 -6.62 5.12
CA VAL C 40 -6.86 -6.92 3.69
C VAL C 40 -6.60 -8.40 3.52
N LYS C 41 -7.47 -9.07 2.74
CA LYS C 41 -7.38 -10.50 2.54
C LYS C 41 -7.11 -10.90 1.10
N ASN C 42 -7.11 -9.95 0.16
CA ASN C 42 -6.90 -10.27 -1.25
C ASN C 42 -6.41 -9.03 -1.97
N LEU C 43 -5.39 -9.19 -2.80
CA LEU C 43 -4.80 -8.06 -3.51
C LEU C 43 -5.78 -7.41 -4.48
N MET C 44 -6.78 -8.14 -4.95
CA MET C 44 -7.77 -7.52 -5.82
C MET C 44 -8.52 -6.41 -5.11
N GLU C 45 -8.68 -6.53 -3.78
CA GLU C 45 -9.31 -5.45 -3.03
C GLU C 45 -8.53 -4.15 -3.19
N ILE C 46 -7.20 -4.22 -3.08
CA ILE C 46 -6.37 -3.05 -3.35
C ILE C 46 -6.50 -2.62 -4.81
N ALA C 47 -6.48 -3.59 -5.72
CA ALA C 47 -6.53 -3.27 -7.14
C ALA C 47 -7.83 -2.59 -7.54
N GLU C 48 -8.89 -2.72 -6.75
CA GLU C 48 -10.18 -2.15 -7.10
C GLU C 48 -10.33 -0.70 -6.65
N VAL C 49 -9.30 -0.09 -6.10
CA VAL C 49 -9.35 1.30 -5.64
C VAL C 49 -8.83 2.20 -6.76
N ASP C 50 -9.46 3.37 -6.89
CA ASP C 50 -9.08 4.32 -7.93
C ASP C 50 -7.71 4.91 -7.66
N SER C 51 -7.06 5.38 -8.73
CA SER C 51 -5.78 6.05 -8.61
C SER C 51 -5.60 6.97 -9.81
N VAL C 52 -4.89 8.08 -9.58
CA VAL C 52 -4.74 9.09 -10.63
C VAL C 52 -3.78 8.59 -11.69
N VAL C 53 -4.14 8.78 -12.95
CA VAL C 53 -3.38 8.29 -14.10
C VAL C 53 -2.59 9.47 -14.68
N PRO C 54 -1.26 9.38 -14.77
CA PRO C 54 -0.49 10.48 -15.38
C PRO C 54 -0.49 10.44 -16.90
N VAL C 55 -1.55 11.01 -17.48
CA VAL C 55 -1.75 10.92 -18.93
C VAL C 55 -0.87 11.91 -19.68
N ASN C 56 -0.51 13.04 -19.06
CA ASN C 56 0.17 14.12 -19.75
C ASN C 56 1.69 13.93 -19.67
N ASN C 57 2.17 12.93 -20.43
CA ASN C 57 3.60 12.66 -20.53
C ASN C 57 4.12 13.20 -21.86
N VAL C 58 4.43 14.49 -21.86
CA VAL C 58 4.69 15.22 -23.09
C VAL C 58 6.18 15.42 -23.34
N GLN C 59 7.03 14.69 -22.61
CA GLN C 59 8.46 14.64 -22.92
C GLN C 59 9.18 15.95 -22.62
N ASP C 60 8.45 16.97 -22.17
CA ASP C 60 9.05 18.26 -21.84
C ASP C 60 8.43 18.82 -20.56
N THR C 61 7.96 17.95 -19.67
CA THR C 61 7.32 18.37 -18.44
C THR C 61 8.40 18.76 -17.44
N THR C 62 8.63 20.07 -17.31
CA THR C 62 9.58 20.56 -16.30
C THR C 62 9.05 20.37 -14.88
N ASP C 63 7.75 20.47 -14.69
CA ASP C 63 7.11 20.25 -13.40
C ASP C 63 6.43 18.89 -13.44
N GLN C 64 6.79 18.03 -12.49
CA GLN C 64 6.29 16.66 -12.50
C GLN C 64 4.78 16.62 -12.34
N MET C 65 4.22 17.48 -11.48
CA MET C 65 2.78 17.43 -11.21
C MET C 65 1.95 17.72 -12.45
N GLU C 66 2.55 18.35 -13.47
CA GLU C 66 1.83 18.58 -14.72
C GLU C 66 1.36 17.28 -15.38
N MET C 67 2.00 16.16 -15.06
CA MET C 67 1.68 14.92 -15.74
C MET C 67 0.25 14.47 -15.46
N PHE C 68 -0.37 14.99 -14.41
CA PHE C 68 -1.69 14.51 -14.00
C PHE C 68 -2.84 15.31 -14.60
N ARG C 69 -2.56 16.35 -15.36
CA ARG C 69 -3.59 17.28 -15.83
C ARG C 69 -3.67 17.25 -17.36
N ILE C 70 -4.88 17.15 -17.88
CA ILE C 70 -5.14 17.14 -19.31
C ILE C 70 -5.64 18.52 -19.71
N PRO C 71 -4.89 19.29 -20.51
CA PRO C 71 -5.32 20.66 -20.81
C PRO C 71 -6.58 20.71 -21.65
N VAL C 72 -7.32 21.81 -21.48
CA VAL C 72 -8.52 22.06 -22.27
C VAL C 72 -8.63 23.56 -22.47
N THR C 73 -9.12 23.96 -23.65
CA THR C 73 -9.21 25.36 -24.02
C THR C 73 -10.62 25.70 -24.45
N ILE C 74 -10.88 27.00 -24.63
CA ILE C 74 -12.23 27.46 -24.93
C ILE C 74 -12.51 27.37 -26.42
N ASN C 75 -11.60 27.87 -27.25
CA ASN C 75 -11.79 27.94 -28.69
C ASN C 75 -10.92 26.88 -29.36
N ALA C 76 -11.55 25.84 -29.87
CA ALA C 76 -10.86 24.75 -30.55
C ALA C 76 -11.65 24.40 -31.80
N PRO C 77 -11.02 23.81 -32.81
CA PRO C 77 -11.76 23.36 -33.99
C PRO C 77 -12.97 22.52 -33.61
N LEU C 78 -13.93 22.37 -34.53
CA LEU C 78 -15.18 21.71 -34.19
C LEU C 78 -14.94 20.30 -33.69
N GLN C 79 -14.09 19.54 -34.37
CA GLN C 79 -13.70 18.20 -33.94
C GLN C 79 -12.21 18.20 -33.67
N GLN C 80 -11.83 17.86 -32.43
CA GLN C 80 -10.42 17.81 -32.06
C GLN C 80 -10.25 16.75 -31.00
N GLN C 81 -9.03 16.19 -30.95
CA GLN C 81 -8.71 15.12 -30.02
C GLN C 81 -8.16 15.72 -28.73
N VAL C 82 -8.64 15.22 -27.59
CA VAL C 82 -8.13 15.65 -26.30
C VAL C 82 -6.92 14.83 -25.88
N PHE C 83 -7.02 13.50 -25.96
CA PHE C 83 -5.91 12.64 -25.61
C PHE C 83 -6.12 11.27 -26.27
N GLY C 84 -5.04 10.50 -26.30
CA GLY C 84 -5.11 9.14 -26.80
C GLY C 84 -4.05 8.30 -26.13
N LEU C 85 -4.37 7.01 -25.93
CA LEU C 85 -3.45 6.12 -25.24
C LEU C 85 -3.78 4.68 -25.58
N ARG C 86 -2.79 3.81 -25.38
CA ARG C 86 -2.96 2.38 -25.58
C ARG C 86 -3.44 1.72 -24.29
N LEU C 87 -4.28 0.70 -24.43
CA LEU C 87 -4.81 -0.01 -23.28
C LEU C 87 -3.92 -1.20 -22.97
N GLN C 88 -2.78 -0.92 -22.36
CA GLN C 88 -1.83 -1.92 -21.88
C GLN C 88 -1.57 -1.63 -20.41
N PRO C 89 -2.46 -2.07 -19.52
CA PRO C 89 -2.35 -1.64 -18.12
C PRO C 89 -1.02 -2.00 -17.46
N GLY C 90 -0.39 -3.09 -17.87
CA GLY C 90 0.84 -3.53 -17.26
C GLY C 90 2.10 -3.15 -17.99
N LEU C 91 2.00 -2.57 -19.18
CA LEU C 91 3.20 -2.27 -19.97
C LEU C 91 3.28 -0.81 -20.40
N ASP C 92 2.15 -0.19 -20.73
CA ASP C 92 2.19 1.21 -21.16
C ASP C 92 2.69 2.10 -20.03
N SER C 93 3.48 3.11 -20.41
CA SER C 93 4.03 4.01 -19.41
C SER C 93 2.95 4.73 -18.63
N VAL C 94 1.78 4.96 -19.25
CA VAL C 94 0.71 5.67 -18.58
C VAL C 94 0.22 4.90 -17.37
N PHE C 95 -0.07 3.61 -17.54
CA PHE C 95 -0.61 2.77 -16.47
C PHE C 95 0.47 2.00 -15.72
N LYS C 96 1.75 2.18 -16.08
CA LYS C 96 2.79 1.33 -15.51
C LYS C 96 2.86 1.46 -13.99
N HIS C 97 2.90 2.69 -13.49
CA HIS C 97 3.16 2.94 -12.08
C HIS C 97 1.90 3.27 -11.29
N THR C 98 0.73 3.08 -11.88
CA THR C 98 -0.50 3.30 -11.15
C THR C 98 -0.70 2.19 -10.11
N LEU C 99 -1.68 2.41 -9.22
CA LEU C 99 -1.96 1.43 -8.18
C LEU C 99 -2.39 0.09 -8.77
N LEU C 100 -2.95 0.09 -9.98
CA LEU C 100 -3.33 -1.15 -10.65
C LEU C 100 -2.17 -1.75 -11.43
N GLY C 101 -1.37 -0.91 -12.09
CA GLY C 101 -0.22 -1.41 -12.82
C GLY C 101 0.80 -2.08 -11.90
N GLU C 102 1.01 -1.49 -10.73
CA GLU C 102 1.96 -2.09 -9.78
C GLU C 102 1.51 -3.49 -9.38
N ILE C 103 0.23 -3.66 -9.08
CA ILE C 103 -0.28 -4.98 -8.73
C ILE C 103 -0.15 -5.93 -9.92
N LEU C 104 -0.51 -5.47 -11.11
CA LEU C 104 -0.44 -6.33 -12.28
C LEU C 104 0.99 -6.80 -12.56
N ASN C 105 1.97 -5.94 -12.29
CA ASN C 105 3.35 -6.29 -12.64
C ASN C 105 3.89 -7.44 -11.80
N TYR C 106 3.20 -7.84 -10.74
CA TYR C 106 3.59 -9.01 -9.97
C TYR C 106 3.01 -10.30 -10.53
N TYR C 107 2.28 -10.23 -11.66
CA TYR C 107 1.65 -11.38 -12.26
C TYR C 107 1.94 -11.39 -13.75
N ALA C 108 1.54 -12.48 -14.41
CA ALA C 108 1.78 -12.64 -15.84
C ALA C 108 0.51 -12.60 -16.68
N HIS C 109 -0.61 -13.10 -16.16
CA HIS C 109 -1.88 -13.10 -16.88
C HIS C 109 -2.90 -12.26 -16.13
N TRP C 110 -3.81 -11.65 -16.88
CA TRP C 110 -4.88 -10.86 -16.31
C TRP C 110 -6.10 -10.95 -17.20
N SER C 111 -7.26 -10.71 -16.62
CA SER C 111 -8.51 -10.73 -17.37
C SER C 111 -9.55 -9.93 -16.59
N GLY C 112 -10.60 -9.51 -17.30
CA GLY C 112 -11.67 -8.74 -16.72
C GLY C 112 -11.76 -7.36 -17.34
N SER C 113 -12.77 -6.63 -16.88
CA SER C 113 -13.03 -5.28 -17.38
C SER C 113 -12.37 -4.24 -16.49
N MET C 114 -12.29 -3.01 -17.01
CA MET C 114 -11.64 -1.91 -16.33
C MET C 114 -12.58 -0.71 -16.31
N LYS C 115 -12.35 0.18 -15.34
CA LYS C 115 -13.11 1.41 -15.20
C LYS C 115 -12.17 2.59 -15.37
N LEU C 116 -12.57 3.54 -16.21
CA LEU C 116 -11.88 4.83 -16.34
C LEU C 116 -12.86 5.91 -15.94
N THR C 117 -12.49 6.69 -14.92
CA THR C 117 -13.33 7.76 -14.40
C THR C 117 -12.65 9.09 -14.67
N PHE C 118 -13.40 10.01 -15.27
CA PHE C 118 -12.90 11.35 -15.61
C PHE C 118 -13.66 12.38 -14.78
N VAL C 119 -12.93 13.35 -14.26
CA VAL C 119 -13.49 14.40 -13.42
C VAL C 119 -13.09 15.75 -14.00
N PHE C 120 -14.06 16.64 -14.13
CA PHE C 120 -13.82 17.99 -14.65
C PHE C 120 -13.53 18.93 -13.49
N CYS C 121 -12.40 19.63 -13.57
CA CYS C 121 -11.94 20.51 -12.50
C CYS C 121 -11.86 21.96 -12.99
N GLY C 122 -12.83 22.38 -13.77
CA GLY C 122 -12.93 23.74 -14.24
C GLY C 122 -13.76 24.59 -13.31
N SER C 123 -14.19 25.75 -13.82
CA SER C 123 -15.05 26.62 -13.06
C SER C 123 -16.46 26.05 -13.01
N ALA C 124 -17.25 26.55 -12.05
CA ALA C 124 -18.63 26.08 -11.91
C ALA C 124 -19.51 26.62 -13.02
N MET C 125 -19.11 27.71 -13.66
CA MET C 125 -19.88 28.28 -14.76
C MET C 125 -19.52 27.70 -16.12
N ALA C 126 -18.42 26.95 -16.22
CA ALA C 126 -18.03 26.37 -17.48
C ALA C 126 -18.93 25.18 -17.82
N THR C 127 -19.03 24.90 -19.12
CA THR C 127 -19.86 23.80 -19.61
C THR C 127 -19.23 23.24 -20.86
N GLY C 128 -19.63 22.01 -21.19
CA GLY C 128 -19.13 21.36 -22.39
C GLY C 128 -19.54 19.91 -22.42
N LYS C 129 -19.30 19.29 -23.58
CA LYS C 129 -19.58 17.88 -23.79
C LYS C 129 -18.38 17.23 -24.45
N PHE C 130 -18.08 16.00 -24.03
CA PHE C 130 -16.95 15.26 -24.54
C PHE C 130 -17.39 13.86 -24.94
N LEU C 131 -16.73 13.33 -25.97
CA LEU C 131 -16.96 11.97 -26.46
C LEU C 131 -15.75 11.13 -26.11
N ILE C 132 -15.97 10.06 -25.35
CA ILE C 132 -14.90 9.13 -24.96
C ILE C 132 -15.25 7.78 -25.56
N ALA C 133 -14.32 7.21 -26.33
CA ALA C 133 -14.56 6.00 -27.08
C ALA C 133 -13.45 4.99 -26.85
N TYR C 134 -13.83 3.72 -26.86
CA TYR C 134 -12.88 2.61 -26.76
C TYR C 134 -12.93 1.83 -28.07
N SER C 135 -11.78 1.67 -28.71
CA SER C 135 -11.69 0.99 -30.00
C SER C 135 -11.01 -0.37 -29.82
N PRO C 136 -11.71 -1.48 -30.04
CA PRO C 136 -11.07 -2.79 -29.91
C PRO C 136 -9.87 -2.91 -30.83
N PRO C 137 -9.08 -3.97 -30.68
CA PRO C 137 -7.84 -4.08 -31.47
C PRO C 137 -8.12 -4.05 -32.96
N GLY C 138 -7.21 -3.42 -33.70
CA GLY C 138 -7.36 -3.32 -35.13
C GLY C 138 -6.04 -2.96 -35.78
N ALA C 139 -6.07 -2.87 -37.10
CA ALA C 139 -4.86 -2.56 -37.85
C ALA C 139 -4.47 -1.10 -37.76
N ASN C 140 -5.40 -0.20 -37.42
CA ASN C 140 -5.11 1.21 -37.37
C ASN C 140 -5.92 1.87 -36.26
N PRO C 141 -5.31 2.72 -35.42
CA PRO C 141 -6.09 3.44 -34.43
C PRO C 141 -6.91 4.55 -35.08
N PRO C 142 -8.01 4.96 -34.46
CA PRO C 142 -8.84 6.02 -35.06
C PRO C 142 -8.06 7.33 -35.19
N LYS C 143 -8.37 8.09 -36.23
CA LYS C 143 -7.75 9.37 -36.49
C LYS C 143 -8.68 10.56 -36.34
N THR C 144 -9.99 10.35 -36.43
CA THR C 144 -10.97 11.42 -36.33
C THR C 144 -12.15 10.94 -35.50
N ARG C 145 -12.95 11.89 -35.01
CA ARG C 145 -14.12 11.53 -34.24
C ARG C 145 -15.08 10.67 -35.05
N LYS C 146 -15.15 10.90 -36.36
CA LYS C 146 -15.99 10.08 -37.22
C LYS C 146 -15.62 8.60 -37.11
N ASP C 147 -14.32 8.30 -37.16
CA ASP C 147 -13.88 6.90 -36.98
C ASP C 147 -14.06 6.46 -35.54
N ALA C 148 -13.81 7.34 -34.59
CA ALA C 148 -13.81 6.96 -33.19
C ALA C 148 -15.18 6.52 -32.72
N MET C 149 -16.24 7.23 -33.12
CA MET C 149 -17.55 6.96 -32.55
C MET C 149 -18.13 5.62 -33.01
N LEU C 150 -17.51 4.97 -34.00
CA LEU C 150 -18.02 3.68 -34.45
C LEU C 150 -17.90 2.60 -33.37
N GLY C 151 -16.90 2.70 -32.50
CA GLY C 151 -16.72 1.74 -31.43
C GLY C 151 -17.49 2.12 -30.18
N THR C 152 -17.25 1.36 -29.12
CA THR C 152 -17.89 1.64 -27.85
C THR C 152 -17.51 3.03 -27.37
N HIS C 153 -18.50 3.81 -26.94
CA HIS C 153 -18.26 5.19 -26.52
C HIS C 153 -19.40 5.65 -25.63
N ILE C 154 -19.16 6.76 -24.94
CA ILE C 154 -20.16 7.40 -24.09
C ILE C 154 -20.04 8.90 -24.27
N ILE C 155 -21.18 9.58 -24.31
CA ILE C 155 -21.22 11.04 -24.39
C ILE C 155 -21.31 11.58 -22.98
N TRP C 156 -20.36 12.43 -22.60
CA TRP C 156 -20.25 12.95 -21.25
C TRP C 156 -20.74 14.39 -21.23
N ASP C 157 -21.73 14.67 -20.38
CA ASP C 157 -22.29 16.00 -20.21
C ASP C 157 -21.88 16.54 -18.85
N ILE C 158 -21.25 17.71 -18.85
CA ILE C 158 -20.71 18.31 -17.63
C ILE C 158 -21.80 19.14 -16.97
N GLY C 159 -22.11 18.82 -15.72
CA GLY C 159 -23.12 19.55 -14.97
C GLY C 159 -22.85 19.52 -13.48
N LEU C 160 -23.90 19.34 -12.67
CA LEU C 160 -23.69 19.23 -11.23
C LEU C 160 -22.84 18.02 -10.89
N GLN C 161 -23.09 16.90 -11.54
CA GLN C 161 -22.24 15.72 -11.37
C GLN C 161 -20.96 15.92 -12.17
N SER C 162 -19.83 15.97 -11.47
CA SER C 162 -18.57 16.34 -12.11
C SER C 162 -17.78 15.14 -12.61
N SER C 163 -18.29 13.92 -12.47
CA SER C 163 -17.55 12.73 -12.83
C SER C 163 -18.38 11.83 -13.74
N CYS C 164 -17.70 11.16 -14.67
CA CYS C 164 -18.31 10.18 -15.54
C CYS C 164 -17.41 8.96 -15.61
N VAL C 165 -18.02 7.79 -15.83
CA VAL C 165 -17.32 6.51 -15.79
C VAL C 165 -17.46 5.86 -17.16
N LEU C 166 -16.32 5.51 -17.75
CA LEU C 166 -16.28 4.70 -18.97
C LEU C 166 -15.84 3.29 -18.58
N CYS C 167 -16.75 2.34 -18.72
CA CYS C 167 -16.46 0.94 -18.39
C CYS C 167 -15.96 0.24 -19.64
N VAL C 168 -14.69 -0.11 -19.65
CA VAL C 168 -14.10 -0.80 -20.80
C VAL C 168 -14.49 -2.28 -20.72
N PRO C 169 -15.27 -2.79 -21.66
CA PRO C 169 -15.67 -4.20 -21.59
C PRO C 169 -14.53 -5.12 -21.92
N TRP C 170 -14.66 -6.37 -21.47
CA TRP C 170 -13.68 -7.41 -21.75
C TRP C 170 -14.05 -8.07 -23.07
N ILE C 171 -13.39 -7.67 -24.15
CA ILE C 171 -13.60 -8.23 -25.47
C ILE C 171 -12.27 -8.82 -25.91
N SER C 172 -12.17 -10.15 -25.87
CA SER C 172 -10.93 -10.81 -26.23
C SER C 172 -11.24 -12.21 -26.76
N GLN C 173 -10.32 -12.71 -27.58
CA GLN C 173 -10.45 -14.07 -28.10
C GLN C 173 -10.00 -15.12 -27.10
N THR C 174 -9.15 -14.76 -26.15
CA THR C 174 -8.66 -15.69 -25.14
C THR C 174 -9.21 -15.32 -23.77
N HIS C 175 -9.24 -16.31 -22.88
CA HIS C 175 -9.73 -16.08 -21.52
C HIS C 175 -8.81 -15.15 -20.74
N TYR C 176 -7.55 -15.06 -21.14
CA TYR C 176 -6.57 -14.27 -20.41
C TYR C 176 -5.69 -13.52 -21.39
N ARG C 177 -4.99 -12.51 -20.87
CA ARG C 177 -4.05 -11.71 -21.65
C ARG C 177 -2.73 -11.62 -20.90
N LEU C 178 -1.65 -11.52 -21.65
CA LEU C 178 -0.33 -11.40 -21.05
C LEU C 178 -0.11 -9.99 -20.53
N VAL C 179 0.50 -9.87 -19.36
CA VAL C 179 0.90 -8.56 -18.86
C VAL C 179 1.93 -7.95 -19.78
N GLN C 180 2.90 -8.74 -20.23
CA GLN C 180 3.87 -8.32 -21.24
C GLN C 180 3.21 -8.46 -22.61
N GLN C 181 2.29 -7.53 -22.89
CA GLN C 181 1.43 -7.65 -24.06
C GLN C 181 2.24 -7.54 -25.35
N ASP C 182 1.73 -8.16 -26.40
CA ASP C 182 2.33 -8.14 -27.73
C ASP C 182 1.23 -7.96 -28.78
N GLU C 183 1.63 -8.05 -30.05
CA GLU C 183 0.67 -7.90 -31.14
C GLU C 183 -0.43 -8.94 -31.05
N TYR C 184 -0.10 -10.16 -30.64
CA TYR C 184 -1.11 -11.22 -30.59
C TYR C 184 -2.19 -10.90 -29.57
N THR C 185 -1.81 -10.37 -28.41
CA THR C 185 -2.74 -10.10 -27.32
C THR C 185 -2.99 -8.61 -27.12
N SER C 186 -2.85 -7.83 -28.19
CA SER C 186 -3.22 -6.41 -28.12
C SER C 186 -4.63 -6.26 -27.56
N ALA C 187 -4.91 -5.06 -27.03
CA ALA C 187 -6.16 -4.81 -26.34
C ALA C 187 -6.95 -3.62 -26.89
N GLY C 188 -6.36 -2.76 -27.71
CA GLY C 188 -7.07 -1.66 -28.32
C GLY C 188 -6.55 -0.31 -27.88
N TYR C 189 -7.39 0.71 -28.08
CA TYR C 189 -7.03 2.09 -27.80
C TYR C 189 -8.21 2.80 -27.14
N VAL C 190 -7.90 3.93 -26.49
CA VAL C 190 -8.89 4.80 -25.87
C VAL C 190 -8.57 6.22 -26.28
N THR C 191 -9.60 6.97 -26.70
CA THR C 191 -9.43 8.33 -27.16
C THR C 191 -10.59 9.18 -26.69
N CYS C 192 -10.36 10.50 -26.61
CA CYS C 192 -11.37 11.46 -26.21
C CYS C 192 -11.38 12.62 -27.18
N TRP C 193 -12.58 13.08 -27.53
CA TRP C 193 -12.76 14.14 -28.53
C TRP C 193 -13.76 15.17 -28.02
N TYR C 194 -13.64 16.38 -28.54
CA TYR C 194 -14.62 17.42 -28.26
C TYR C 194 -15.93 17.08 -28.94
N GLN C 195 -17.02 17.06 -28.16
CA GLN C 195 -18.34 16.82 -28.72
C GLN C 195 -19.03 18.11 -29.11
N THR C 196 -18.96 19.13 -28.25
CA THR C 196 -19.59 20.41 -28.52
C THR C 196 -18.60 21.56 -28.32
N GLY C 197 -17.64 21.37 -27.42
CA GLY C 197 -16.71 22.40 -27.05
C GLY C 197 -17.03 22.98 -25.68
N MET C 198 -16.07 23.76 -25.17
CA MET C 198 -16.21 24.37 -23.86
C MET C 198 -16.53 25.85 -24.01
N ILE C 199 -17.55 26.30 -23.29
CA ILE C 199 -18.02 27.68 -23.35
C ILE C 199 -17.96 28.25 -21.94
N VAL C 200 -17.45 29.47 -21.82
CA VAL C 200 -17.27 30.11 -20.52
C VAL C 200 -17.88 31.51 -20.56
N PRO C 201 -18.37 32.04 -19.45
CA PRO C 201 -18.86 33.41 -19.43
C PRO C 201 -17.72 34.38 -19.16
N PRO C 202 -18.00 35.69 -19.17
CA PRO C 202 -16.93 36.66 -18.89
C PRO C 202 -16.41 36.50 -17.47
N GLY C 203 -15.13 36.85 -17.31
CA GLY C 203 -14.51 36.83 -15.99
C GLY C 203 -14.18 35.45 -15.46
N THR C 204 -13.79 34.52 -16.32
CA THR C 204 -13.37 33.19 -15.92
C THR C 204 -12.08 32.83 -16.66
N PRO C 205 -11.30 31.90 -16.11
CA PRO C 205 -10.08 31.47 -16.81
C PRO C 205 -10.39 30.84 -18.15
N ASN C 206 -9.46 31.00 -19.09
CA ASN C 206 -9.64 30.51 -20.45
C ASN C 206 -9.22 29.05 -20.61
N SER C 207 -8.70 28.42 -19.58
CA SER C 207 -8.24 27.04 -19.66
C SER C 207 -8.72 26.26 -18.45
N SER C 208 -8.82 24.94 -18.62
CA SER C 208 -9.24 24.05 -17.55
C SER C 208 -8.43 22.77 -17.64
N SER C 209 -8.71 21.84 -16.72
CA SER C 209 -7.98 20.58 -16.65
C SER C 209 -8.95 19.44 -16.34
N ILE C 210 -8.54 18.24 -16.72
CA ILE C 210 -9.27 17.01 -16.43
C ILE C 210 -8.30 16.01 -15.84
N MET C 211 -8.81 15.14 -14.99
CA MET C 211 -8.02 14.08 -14.39
C MET C 211 -8.71 12.74 -14.64
N CYS C 212 -7.90 11.68 -14.72
CA CYS C 212 -8.37 10.35 -15.02
C CYS C 212 -8.04 9.40 -13.87
N PHE C 213 -8.98 8.52 -13.54
CA PHE C 213 -8.81 7.52 -12.50
C PHE C 213 -9.00 6.14 -13.10
N ALA C 214 -8.15 5.20 -12.69
CA ALA C 214 -8.18 3.84 -13.21
C ALA C 214 -8.41 2.85 -12.07
N SER C 215 -9.24 1.84 -12.34
CA SER C 215 -9.53 0.81 -11.35
C SER C 215 -10.09 -0.40 -12.07
N ALA C 216 -10.18 -1.51 -11.35
CA ALA C 216 -10.66 -2.77 -11.89
C ALA C 216 -12.09 -3.04 -11.43
N CYS C 217 -12.85 -3.72 -12.28
CA CYS C 217 -14.21 -4.10 -11.95
C CYS C 217 -14.21 -5.28 -10.98
N ASN C 218 -15.41 -5.79 -10.69
CA ASN C 218 -15.55 -6.91 -9.76
C ASN C 218 -15.30 -8.26 -10.40
N ASP C 219 -15.09 -8.30 -11.72
CA ASP C 219 -14.78 -9.55 -12.41
C ASP C 219 -13.29 -9.66 -12.77
N PHE C 220 -12.46 -8.79 -12.24
CA PHE C 220 -11.04 -8.80 -12.54
C PHE C 220 -10.34 -9.93 -11.78
N SER C 221 -9.27 -10.46 -12.38
CA SER C 221 -8.50 -11.52 -11.76
C SER C 221 -7.11 -11.55 -12.39
N VAL C 222 -6.16 -12.16 -11.67
CA VAL C 222 -4.78 -12.27 -12.11
C VAL C 222 -4.33 -13.71 -11.90
N ARG C 223 -3.10 -14.00 -12.34
CA ARG C 223 -2.62 -15.38 -12.36
C ARG C 223 -1.12 -15.39 -12.57
N MET C 224 -0.49 -16.51 -12.21
CA MET C 224 0.92 -16.78 -12.54
C MET C 224 1.84 -15.73 -11.93
N LEU C 225 1.94 -15.77 -10.60
CA LEU C 225 2.85 -14.89 -9.88
C LEU C 225 4.22 -14.85 -10.54
N ARG C 226 4.87 -13.70 -10.44
CA ARG C 226 6.23 -13.52 -10.95
C ARG C 226 6.87 -12.36 -10.22
N ASP C 227 8.16 -12.16 -10.46
CA ASP C 227 8.90 -11.08 -9.83
C ASP C 227 8.82 -9.81 -10.68
N THR C 228 8.60 -8.68 -10.02
CA THR C 228 8.45 -7.41 -10.72
C THR C 228 9.81 -6.92 -11.24
N PRO C 229 9.83 -6.25 -12.38
CA PRO C 229 11.11 -5.72 -12.91
C PRO C 229 11.40 -4.28 -12.55
N PHE C 230 10.57 -3.61 -11.75
CA PHE C 230 10.74 -2.20 -11.49
C PHE C 230 11.79 -1.91 -10.42
N ILE C 231 12.19 -2.91 -9.64
CA ILE C 231 13.08 -2.72 -8.51
C ILE C 231 14.29 -3.63 -8.68
N SER C 232 15.48 -3.07 -8.46
CA SER C 232 16.71 -3.83 -8.61
C SER C 232 17.79 -3.20 -7.74
N GLN C 233 18.82 -4.00 -7.44
CA GLN C 233 19.94 -3.54 -6.64
C GLN C 233 21.23 -4.08 -7.24
N ASP C 234 22.32 -3.37 -6.97
CA ASP C 234 23.64 -3.76 -7.46
C ASP C 234 24.55 -4.30 -6.37
N ASN C 235 24.36 -3.89 -5.12
CA ASN C 235 25.17 -4.37 -4.01
C ASN C 235 24.27 -4.54 -2.79
N LYS C 236 24.75 -5.34 -1.83
CA LYS C 236 23.99 -5.55 -0.60
C LYS C 236 23.80 -4.23 0.13
N LEU C 237 22.57 -3.98 0.57
CA LEU C 237 22.26 -2.77 1.29
C LEU C 237 22.90 -2.79 2.67
N GLN C 238 23.29 -1.61 3.15
CA GLN C 238 23.89 -1.47 4.47
C GLN C 238 23.46 -0.17 5.13
N GLY D 1 -7.88 -37.67 13.38
CA GLY D 1 -6.75 -36.89 12.93
C GLY D 1 -6.81 -36.77 11.44
N ALA D 2 -7.04 -37.88 10.76
CA ALA D 2 -7.17 -37.81 9.34
C ALA D 2 -8.07 -36.68 9.00
N GLN D 3 -7.68 -35.88 8.03
CA GLN D 3 -8.46 -34.73 7.66
C GLN D 3 -8.59 -34.72 6.16
N VAL D 4 -9.77 -35.01 5.66
CA VAL D 4 -9.97 -35.09 4.23
C VAL D 4 -10.64 -33.85 3.70
N SER D 5 -10.15 -33.32 2.59
CA SER D 5 -10.72 -32.14 1.97
C SER D 5 -10.43 -32.17 0.48
N THR D 6 -11.24 -31.43 -0.28
CA THR D 6 -11.08 -31.36 -1.72
C THR D 6 -9.83 -30.58 -2.09
N GLN D 7 -9.38 -30.84 -3.32
CA GLN D 7 -8.19 -30.23 -3.82
C GLN D 7 -8.58 -29.32 -4.95
N LYS D 8 -7.70 -28.41 -5.31
CA LYS D 8 -8.01 -27.46 -6.35
C LYS D 8 -8.07 -28.17 -7.66
N THR D 9 -9.00 -27.78 -8.50
CA THR D 9 -9.16 -28.42 -9.78
C THR D 9 -9.85 -27.48 -10.73
N GLY D 10 -10.27 -27.97 -11.88
CA GLY D 10 -10.90 -27.13 -12.87
C GLY D 10 -12.40 -26.98 -12.76
N ALA D 11 -12.99 -26.25 -13.69
CA ALA D 11 -14.44 -26.02 -13.67
C ALA D 11 -15.14 -26.87 -14.67
N HIS D 12 -16.28 -27.42 -14.28
CA HIS D 12 -17.06 -28.25 -15.19
C HIS D 12 -16.18 -29.03 -16.14
N GLU D 13 -15.27 -29.83 -15.59
CA GLU D 13 -14.37 -30.62 -16.43
C GLU D 13 -13.65 -31.65 -15.58
N ILE D 23 -10.63 -39.58 -6.92
CA ILE D 23 -11.42 -38.41 -6.53
C ILE D 23 -10.52 -37.25 -6.22
N ILE D 24 -11.09 -36.06 -6.20
CA ILE D 24 -10.32 -34.91 -5.84
C ILE D 24 -10.38 -34.71 -4.33
N HIS D 25 -9.65 -35.54 -3.60
CA HIS D 25 -9.58 -35.37 -2.17
C HIS D 25 -8.20 -35.70 -1.76
N TYR D 26 -7.73 -35.07 -0.70
CA TYR D 26 -6.41 -35.37 -0.20
C TYR D 26 -6.45 -35.54 1.29
N THR D 27 -5.50 -36.29 1.84
CA THR D 27 -5.50 -36.54 3.27
C THR D 27 -4.32 -35.80 3.92
N ASN D 28 -4.58 -35.29 5.12
CA ASN D 28 -3.56 -34.59 5.85
C ASN D 28 -3.56 -35.00 7.28
N ILE D 29 -2.39 -35.09 7.87
CA ILE D 29 -2.23 -35.45 9.28
C ILE D 29 -1.12 -34.59 9.86
N ASN D 30 -1.30 -34.15 11.09
CA ASN D 30 -0.31 -33.33 11.74
C ASN D 30 0.55 -34.19 12.63
N TYR D 31 1.85 -33.97 12.63
CA TYR D 31 2.79 -34.79 13.36
C TYR D 31 3.43 -34.10 14.56
N TYR D 32 3.31 -32.78 14.67
CA TYR D 32 3.98 -32.01 15.70
C TYR D 32 2.98 -31.38 16.64
N LYS D 33 3.45 -31.04 17.83
CA LYS D 33 2.59 -30.52 18.89
C LYS D 33 2.43 -29.00 18.84
N ASP D 34 3.07 -28.32 17.90
CA ASP D 34 2.98 -26.87 17.77
C ASP D 34 2.21 -26.52 16.51
N ALA D 35 1.22 -25.63 16.65
CA ALA D 35 0.43 -25.23 15.50
C ALA D 35 1.27 -24.52 14.44
N ALA D 36 2.38 -23.90 14.85
CA ALA D 36 3.24 -23.22 13.89
C ALA D 36 3.89 -24.18 12.90
N SER D 37 3.96 -25.47 13.24
CA SER D 37 4.57 -26.45 12.37
C SER D 37 3.66 -26.91 11.25
N ASN D 38 2.39 -26.55 11.28
CA ASN D 38 1.49 -27.03 10.27
C ASN D 38 1.78 -26.39 8.93
N SER D 39 1.24 -26.94 7.86
CA SER D 39 1.46 -26.42 6.52
C SER D 39 0.58 -25.20 6.28
N ALA D 40 0.94 -24.43 5.25
CA ALA D 40 0.20 -23.21 4.95
C ALA D 40 -1.25 -23.52 4.64
N ASN D 41 -2.13 -22.64 5.16
CA ASN D 41 -3.57 -22.78 4.95
C ASN D 41 -3.94 -21.86 3.84
N ARG D 42 -3.63 -22.26 2.63
CA ARG D 42 -3.86 -21.45 1.44
C ARG D 42 -5.14 -21.84 0.71
N GLN D 43 -6.15 -22.34 1.42
CA GLN D 43 -7.42 -22.75 0.83
C GLN D 43 -8.56 -21.78 1.14
N ASP D 44 -8.26 -20.63 1.71
CA ASP D 44 -9.29 -19.63 2.05
C ASP D 44 -9.38 -18.60 0.95
N PHE D 45 -10.61 -18.30 0.52
CA PHE D 45 -10.85 -17.42 -0.62
C PHE D 45 -11.92 -16.37 -0.32
N THR D 46 -12.14 -16.07 0.96
CA THR D 46 -13.10 -15.03 1.32
C THR D 46 -12.48 -13.65 1.17
N GLN D 47 -13.29 -12.70 0.71
CA GLN D 47 -12.81 -11.34 0.48
C GLN D 47 -13.98 -10.38 0.51
N ASP D 48 -13.70 -9.11 0.83
CA ASP D 48 -14.72 -8.07 0.95
C ASP D 48 -14.07 -6.72 0.70
N PRO D 49 -14.23 -6.16 -0.49
CA PRO D 49 -13.56 -4.89 -0.82
C PRO D 49 -14.29 -3.65 -0.31
N SER D 50 -15.40 -3.81 0.41
CA SER D 50 -16.17 -2.66 0.85
C SER D 50 -15.35 -1.73 1.73
N LYS D 51 -14.50 -2.28 2.58
CA LYS D 51 -13.74 -1.46 3.53
C LYS D 51 -12.96 -0.36 2.82
N PHE D 52 -12.53 -0.61 1.58
CA PHE D 52 -11.73 0.35 0.83
C PHE D 52 -12.48 1.00 -0.32
N THR D 53 -13.52 0.36 -0.85
CA THR D 53 -14.25 0.92 -1.99
C THR D 53 -15.45 1.75 -1.58
N GLU D 54 -16.08 1.43 -0.45
CA GLU D 54 -17.28 2.13 0.03
C GLU D 54 -17.11 2.52 1.49
N PRO D 55 -16.15 3.39 1.80
CA PRO D 55 -15.95 3.83 3.17
C PRO D 55 -16.84 4.98 3.62
N VAL D 56 -17.87 5.33 2.84
CA VAL D 56 -18.71 6.47 3.19
C VAL D 56 -19.69 6.06 4.29
N LYS D 57 -20.27 7.07 4.94
CA LYS D 57 -21.21 6.83 6.02
C LYS D 57 -22.59 6.50 5.50
N ASP D 58 -23.15 7.37 4.67
CA ASP D 58 -24.48 7.14 4.10
C ASP D 58 -24.36 6.25 2.87
N VAL D 59 -25.22 5.24 2.79
CA VAL D 59 -25.20 4.31 1.68
C VAL D 59 -25.55 5.05 0.39
N MET D 60 -24.79 4.80 -0.66
CA MET D 60 -24.99 5.42 -1.96
C MET D 60 -25.51 4.38 -2.95
N ILE D 61 -26.60 4.71 -3.64
CA ILE D 61 -27.19 3.84 -4.65
C ILE D 61 -26.59 4.21 -6.00
N LYS D 62 -26.13 3.19 -6.73
CA LYS D 62 -25.47 3.45 -8.00
C LYS D 62 -26.41 4.12 -8.99
N SER D 63 -27.66 3.67 -9.05
CA SER D 63 -28.61 4.23 -10.01
C SER D 63 -28.93 5.69 -9.70
N LEU D 64 -29.10 6.05 -8.45
CA LEU D 64 -29.49 7.41 -8.08
C LEU D 64 -28.30 8.36 -8.21
N PRO D 65 -28.56 9.66 -8.36
CA PRO D 65 -27.45 10.61 -8.44
C PRO D 65 -26.61 10.60 -7.17
N ALA D 66 -25.30 10.81 -7.34
CA ALA D 66 -24.40 10.80 -6.19
C ALA D 66 -24.75 11.91 -5.21
N LEU D 67 -25.04 13.11 -5.72
CA LEU D 67 -25.38 14.26 -4.88
C LEU D 67 -26.75 14.77 -5.28
N ASN D 68 -27.60 15.01 -4.29
CA ASN D 68 -28.96 15.50 -4.53
C ASN D 68 -29.70 14.55 -5.47
C1 A1IB2 E . 10.91 -3.70 12.62
N1 A1IB2 E . 10.14 -4.87 12.20
C2 A1IB2 E . 11.00 -6.04 12.40
C3 A1IB2 E . 10.31 -7.30 11.87
C4 A1IB2 E . 9.94 -4.74 10.75
C5 A1IB2 E . 9.24 -6.00 10.21
N2 A1IB2 E . 10.11 -7.16 10.43
C6 A1IB2 E . 9.33 -8.33 10.00
C7 A1IB2 E . 10.06 -9.59 10.41
C8 A1IB2 E . 9.81 -10.16 11.64
C9 A1IB2 E . 10.47 -11.31 12.02
C10 A1IB2 E . 10.97 -10.18 9.54
C11 A1IB2 E . 11.64 -11.33 9.91
C12 A1IB2 E . 11.39 -11.90 11.16
N3 A1IB2 E . 12.07 -13.05 11.54
C13 A1IB2 E . 11.81 -13.66 12.84
C14 A1IB2 E . 12.66 -14.89 13.01
C15 A1IB2 E . 13.92 -14.80 13.56
C16 A1IB2 E . 14.70 -15.93 13.71
F1 A1IB2 E . 15.94 -15.84 14.25
C17 A1IB2 E . 14.21 -17.16 13.31
C18 A1IB2 E . 12.95 -17.26 12.76
C19 A1IB2 E . 12.17 -16.12 12.62
H3 A1IB2 E . 11.18 -3.79 13.67
H2 A1IB2 E . 10.31 -2.80 12.48
H1 A1IB2 E . 11.81 -3.62 12.02
H4 A1IB2 E . 11.94 -5.89 11.87
H5 A1IB2 E . 11.21 -6.16 13.47
H7 A1IB2 E . 9.35 -7.41 12.36
H6 A1IB2 E . 10.93 -8.16 12.06
H9 A1IB2 E . 10.90 -4.62 10.25
H8 A1IB2 E . 9.32 -3.86 10.55
H10 A1IB2 E . 8.30 -6.14 10.74
H11 A1IB2 E . 9.04 -5.87 9.15
H12 A1IB2 E . 8.35 -8.32 10.47
H13 A1IB2 E . 9.22 -8.32 8.92
H14 A1IB2 E . 9.10 -9.71 12.31
H15 A1IB2 E . 10.28 -11.76 12.99
H16 A1IB2 E . 11.16 -9.73 8.57
H17 A1IB2 E . 12.35 -11.78 9.24
H18 A1IB2 E . 12.71 -13.47 10.93
H19 A1IB2 E . 12.06 -12.94 13.64
H20 A1IB2 E . 10.76 -13.92 12.92
H21 A1IB2 E . 14.30 -13.84 13.87
H22 A1IB2 E . 14.82 -18.05 13.42
H23 A1IB2 E . 12.56 -18.22 12.44
H24 A1IB2 E . 11.18 -16.20 12.19
C1 MYR F . -5.94 -40.83 13.35
O1 MYR F . -6.34 -39.65 13.34
O2 MYR F . -6.55 -41.66 14.07
C2 MYR F . -4.75 -41.25 12.54
C3 MYR F . -5.08 -42.54 11.78
C4 MYR F . -4.06 -42.77 10.66
C5 MYR F . -3.32 -44.10 10.85
C6 MYR F . -2.32 -44.01 12.01
C7 MYR F . -0.89 -43.85 11.52
C8 MYR F . -0.68 -42.51 10.83
C9 MYR F . 0.77 -42.29 10.42
C10 MYR F . 1.72 -42.13 11.60
C11 MYR F . 1.33 -40.96 12.49
C12 MYR F . 2.51 -40.52 13.37
C13 MYR F . 2.12 -39.37 14.28
C14 MYR F . 3.32 -38.86 15.06
H21 MYR F . -3.99 -41.38 13.11
H22 MYR F . -4.53 -40.55 11.91
H31 MYR F . -5.96 -42.50 11.41
H32 MYR F . -5.05 -43.30 12.40
H41 MYR F . -3.43 -42.04 10.64
H42 MYR F . -4.53 -42.79 9.81
H51 MYR F . -2.84 -44.31 10.03
H52 MYR F . -3.95 -44.81 11.02
H61 MYR F . -2.39 -44.82 12.55
H62 MYR F . -2.55 -43.27 12.59
H71 MYR F . -0.67 -44.57 10.90
H72 MYR F . -0.28 -43.93 12.26
H81 MYR F . -0.95 -41.79 11.43
H82 MYR F . -1.25 -42.46 10.05
H91 MYR F . 0.82 -41.50 9.85
H92 MYR F . 1.06 -43.04 9.87
H101 MYR F . 2.62 -41.99 11.27
H102 MYR F . 1.73 -42.95 12.11
H111 MYR F . 0.59 -41.21 13.05
H112 MYR F . 1.04 -40.21 11.94
H121 MYR F . 3.26 -40.26 12.80
H122 MYR F . 2.81 -41.28 13.90
H131 MYR F . 1.42 -39.65 14.89
H132 MYR F . 1.75 -38.65 13.74
H141 MYR F . 3.05 -38.12 15.63
H142 MYR F . 4.00 -38.55 14.44
H143 MYR F . 3.68 -39.58 15.61
#